data_1NTQ
# 
_entry.id   1NTQ 
# 
_audit_conform.dict_name       mmcif_pdbx.dic 
_audit_conform.dict_version    5.392 
_audit_conform.dict_location   http://mmcif.pdb.org/dictionaries/ascii/mmcif_pdbx.dic 
# 
loop_
_database_2.database_id 
_database_2.database_code 
_database_2.pdbx_database_accession 
_database_2.pdbx_DOI 
PDB   1NTQ         pdb_00001ntq 10.2210/pdb1ntq/pdb 
RCSB  RCSB018194   ?            ?                   
WWPDB D_1000018194 ?            ?                   
# 
loop_
_pdbx_audit_revision_history.ordinal 
_pdbx_audit_revision_history.data_content_type 
_pdbx_audit_revision_history.major_revision 
_pdbx_audit_revision_history.minor_revision 
_pdbx_audit_revision_history.revision_date 
1 'Structure model' 1 0 2003-06-10 
2 'Structure model' 1 1 2008-04-29 
3 'Structure model' 1 2 2011-07-13 
4 'Structure model' 1 3 2022-02-23 
5 'Structure model' 1 4 2024-05-22 
# 
_pdbx_audit_revision_details.ordinal             1 
_pdbx_audit_revision_details.revision_ordinal    1 
_pdbx_audit_revision_details.data_content_type   'Structure model' 
_pdbx_audit_revision_details.provider            repository 
_pdbx_audit_revision_details.type                'Initial release' 
_pdbx_audit_revision_details.description         ? 
_pdbx_audit_revision_details.details             ? 
# 
loop_
_pdbx_audit_revision_group.ordinal 
_pdbx_audit_revision_group.revision_ordinal 
_pdbx_audit_revision_group.data_content_type 
_pdbx_audit_revision_group.group 
1 2 'Structure model' 'Version format compliance' 
2 3 'Structure model' 'Version format compliance' 
3 4 'Structure model' 'Data collection'           
4 4 'Structure model' 'Database references'       
5 4 'Structure model' 'Derived calculations'      
6 5 'Structure model' 'Data collection'           
# 
loop_
_pdbx_audit_revision_category.ordinal 
_pdbx_audit_revision_category.revision_ordinal 
_pdbx_audit_revision_category.data_content_type 
_pdbx_audit_revision_category.category 
1 4 'Structure model' database_2            
2 4 'Structure model' pdbx_nmr_software     
3 4 'Structure model' pdbx_struct_assembly  
4 4 'Structure model' pdbx_struct_oper_list 
5 5 'Structure model' chem_comp_atom        
6 5 'Structure model' chem_comp_bond        
# 
loop_
_pdbx_audit_revision_item.ordinal 
_pdbx_audit_revision_item.revision_ordinal 
_pdbx_audit_revision_item.data_content_type 
_pdbx_audit_revision_item.item 
1 4 'Structure model' '_database_2.pdbx_DOI'                
2 4 'Structure model' '_database_2.pdbx_database_accession' 
3 4 'Structure model' '_pdbx_nmr_software.name'             
# 
_pdbx_database_status.status_code                     REL 
_pdbx_database_status.entry_id                        1NTQ 
_pdbx_database_status.recvd_initial_deposition_date   2003-01-30 
_pdbx_database_status.deposit_site                    RCSB 
_pdbx_database_status.process_site                    RCSB 
_pdbx_database_status.status_code_mr                  REL 
_pdbx_database_status.SG_entry                        . 
_pdbx_database_status.pdb_format_compatible           Y 
_pdbx_database_status.status_code_sf                  ? 
_pdbx_database_status.status_code_cs                  ? 
_pdbx_database_status.status_code_nmr_data            ? 
_pdbx_database_status.methods_development_category    ? 
# 
loop_
_pdbx_database_related.db_name 
_pdbx_database_related.db_id 
_pdbx_database_related.details 
_pdbx_database_related.content_type 
PDB 1NTS 'DNA:RNA hybrid with propynylated bases 1-7 in DNA strand' unspecified 
PDB 1NTT 'DNA:RNA hybrid with propynylated bases 2-7 in DNA strand' unspecified 
# 
loop_
_audit_author.name 
_audit_author.pdbx_ordinal 
'Znosko, B.M.'     1 
'Barnes III, T.W.' 2 
'Krugh, T.R.'      3 
'Turner, D.H.'     4 
# 
loop_
_citation.id 
_citation.title 
_citation.journal_abbrev 
_citation.journal_volume 
_citation.page_first 
_citation.page_last 
_citation.year 
_citation.journal_id_ASTM 
_citation.country 
_citation.journal_id_ISSN 
_citation.journal_id_CSD 
_citation.book_publisher 
_citation.pdbx_database_id_PubMed 
_citation.pdbx_database_id_DOI 
primary 'NMR Studies of DNA Single Strands and DNA:RNA Hybrids With and Without 1-Propynylation at C5 of Oligopyrimidines' 
J.Am.Chem.Soc. 125 6090 6097 2003 JACSAT US 0002-7863 0004 ? 12785839 10.1021/ja021285d 
1       
'Long-Range Cooperativity in Molecular Recognition of RNA by Oligodeoxynucleotides with Multiple C5-(1-Propynyl) Pyrimidines' 
J.Am.Chem.Soc. 123 4107 4118 2001 JACSAT US 0002-7863 0004 ? ?        10.1021/ja003208t 
# 
loop_
_citation_author.citation_id 
_citation_author.name 
_citation_author.ordinal 
_citation_author.identifier_ORCID 
primary 'Znosko, B.M.'     1 ? 
primary 'Barnes III, T.W.' 2 ? 
primary 'Krugh, T.R.'      3 ? 
primary 'Turner, D.H.'     4 ? 
1       'Barnes III, T.W.' 5 ? 
1       'Turner, D.H.'     6 ? 
# 
loop_
_entity.id 
_entity.type 
_entity.src_method 
_entity.pdbx_description 
_entity.formula_weight 
_entity.pdbx_number_of_molecules 
_entity.pdbx_ec 
_entity.pdbx_mutation 
_entity.pdbx_fragment 
_entity.details 
1 polymer syn "5'-R(*AP*AP*AP*GP*GP*AP*GP*GP*A)-3'" 2981.895 1 ? ? ? ? 
2 polymer syn "5'-D(*CP*CP*UP*CP*CP*UP*U)-3'"       1982.270 1 ? ? ? ? 
# 
loop_
_entity_poly.entity_id 
_entity_poly.type 
_entity_poly.nstd_linkage 
_entity_poly.nstd_monomer 
_entity_poly.pdbx_seq_one_letter_code 
_entity_poly.pdbx_seq_one_letter_code_can 
_entity_poly.pdbx_strand_id 
_entity_poly.pdbx_target_identifier 
1 polyribonucleotide      no no AAAGGAGGA                      AAAGGAGGA A ? 
2 polydeoxyribonucleotide no no '(DC)(DC)(DU)(DC)(DC)(DU)(DU)' CCUCCUU   B ? 
# 
loop_
_entity_poly_seq.entity_id 
_entity_poly_seq.num 
_entity_poly_seq.mon_id 
_entity_poly_seq.hetero 
1 1 A  n 
1 2 A  n 
1 3 A  n 
1 4 G  n 
1 5 G  n 
1 6 A  n 
1 7 G  n 
1 8 G  n 
1 9 A  n 
2 1 DC n 
2 2 DC n 
2 3 DU n 
2 4 DC n 
2 5 DC n 
2 6 DU n 
2 7 DU n 
# 
loop_
_chem_comp.id 
_chem_comp.type 
_chem_comp.mon_nstd_flag 
_chem_comp.name 
_chem_comp.pdbx_synonyms 
_chem_comp.formula 
_chem_comp.formula_weight 
A  'RNA linking' y "ADENOSINE-5'-MONOPHOSPHATE"        ? 'C10 H14 N5 O7 P' 347.221 
DC 'DNA linking' y "2'-DEOXYCYTIDINE-5'-MONOPHOSPHATE" ? 'C9 H14 N3 O7 P'  307.197 
DU 'DNA linking' y "2'-DEOXYURIDINE-5'-MONOPHOSPHATE"  ? 'C9 H13 N2 O8 P'  308.182 
G  'RNA linking' y "GUANOSINE-5'-MONOPHOSPHATE"        ? 'C10 H14 N5 O8 P' 363.221 
# 
loop_
_pdbx_poly_seq_scheme.asym_id 
_pdbx_poly_seq_scheme.entity_id 
_pdbx_poly_seq_scheme.seq_id 
_pdbx_poly_seq_scheme.mon_id 
_pdbx_poly_seq_scheme.ndb_seq_num 
_pdbx_poly_seq_scheme.pdb_seq_num 
_pdbx_poly_seq_scheme.auth_seq_num 
_pdbx_poly_seq_scheme.pdb_mon_id 
_pdbx_poly_seq_scheme.auth_mon_id 
_pdbx_poly_seq_scheme.pdb_strand_id 
_pdbx_poly_seq_scheme.pdb_ins_code 
_pdbx_poly_seq_scheme.hetero 
A 1 1 A  1 2  2  A  A A . n 
A 1 2 A  2 3  3  A  A A . n 
A 1 3 A  3 4  4  A  A A . n 
A 1 4 G  4 5  5  G  G A . n 
A 1 5 G  5 6  6  G  G A . n 
A 1 6 A  6 7  7  A  A A . n 
A 1 7 G  7 8  8  G  G A . n 
A 1 8 G  8 9  9  G  G A . n 
A 1 9 A  9 10 10 A  A A . n 
B 2 1 DC 1 1  1  DC C B . n 
B 2 2 DC 2 2  2  DC C B . n 
B 2 3 DU 3 3  3  DU U B . n 
B 2 4 DC 4 4  4  DC C B . n 
B 2 5 DC 5 5  5  DC C B . n 
B 2 6 DU 6 6  6  DU U B . n 
B 2 7 DU 7 7  7  DU U B . n 
# 
_exptl.entry_id          1NTQ 
_exptl.method            'SOLUTION NMR' 
_exptl.crystals_number   ? 
# 
_exptl_crystal.id                    1 
_exptl_crystal.density_meas          ? 
_exptl_crystal.density_Matthews      ? 
_exptl_crystal.density_percent_sol   ? 
_exptl_crystal.description           ? 
# 
_diffrn.id                     1 
_diffrn.ambient_temp           ? 
_diffrn.ambient_temp_details   ? 
_diffrn.crystal_id             1 
# 
_diffrn_radiation.diffrn_id                        1 
_diffrn_radiation.wavelength_id                    1 
_diffrn_radiation.pdbx_monochromatic_or_laue_m_l   M 
_diffrn_radiation.monochromator                    ? 
_diffrn_radiation.pdbx_diffrn_protocol             'SINGLE WAVELENGTH' 
_diffrn_radiation.pdbx_scattering_type             ? 
# 
_diffrn_radiation_wavelength.id           1 
_diffrn_radiation_wavelength.wavelength   . 
_diffrn_radiation_wavelength.wt           1.0 
# 
_struct.entry_id                  1NTQ 
_struct.title                     "5'(dCCUCCUU)3':3'(rAGGAGGAAA)5'" 
_struct.pdbx_model_details        ? 
_struct.pdbx_CASP_flag            ? 
_struct.pdbx_model_type_details   'minimized average' 
# 
_struct_keywords.entry_id        1NTQ 
_struct_keywords.pdbx_keywords   DNA/RNA 
_struct_keywords.text            'DNA, RNA, hybrid, propynyl, DNA-RNA COMPLEX' 
# 
loop_
_struct_asym.id 
_struct_asym.pdbx_blank_PDB_chainid_flag 
_struct_asym.pdbx_modified 
_struct_asym.entity_id 
_struct_asym.details 
A N N 1 ? 
B N N 2 ? 
# 
loop_
_struct_ref.id 
_struct_ref.entity_id 
_struct_ref.db_name 
_struct_ref.db_code 
_struct_ref.pdbx_db_accession 
_struct_ref.pdbx_db_isoform 
_struct_ref.pdbx_seq_one_letter_code 
_struct_ref.pdbx_align_begin 
1 1 PDB 1NTQ 1NTQ ? ? ? 
2 2 PDB 1NTQ 1NTQ ? ? ? 
# 
loop_
_struct_ref_seq.align_id 
_struct_ref_seq.ref_id 
_struct_ref_seq.pdbx_PDB_id_code 
_struct_ref_seq.pdbx_strand_id 
_struct_ref_seq.seq_align_beg 
_struct_ref_seq.pdbx_seq_align_beg_ins_code 
_struct_ref_seq.seq_align_end 
_struct_ref_seq.pdbx_seq_align_end_ins_code 
_struct_ref_seq.pdbx_db_accession 
_struct_ref_seq.db_align_beg 
_struct_ref_seq.pdbx_db_align_beg_ins_code 
_struct_ref_seq.db_align_end 
_struct_ref_seq.pdbx_db_align_end_ins_code 
_struct_ref_seq.pdbx_auth_seq_align_beg 
_struct_ref_seq.pdbx_auth_seq_align_end 
1 1 1NTQ A 1 ? 9 ? 1NTQ 2 ? 10 ? 2 10 
2 2 1NTQ B 1 ? 7 ? 1NTQ 1 ? 7  ? 1 7  
# 
_pdbx_struct_assembly.id                   1 
_pdbx_struct_assembly.details              author_defined_assembly 
_pdbx_struct_assembly.method_details       ? 
_pdbx_struct_assembly.oligomeric_details   dimeric 
_pdbx_struct_assembly.oligomeric_count     2 
# 
_pdbx_struct_assembly_gen.assembly_id       1 
_pdbx_struct_assembly_gen.oper_expression   1 
_pdbx_struct_assembly_gen.asym_id_list      A,B 
# 
_pdbx_struct_oper_list.id                   1 
_pdbx_struct_oper_list.type                 'identity operation' 
_pdbx_struct_oper_list.name                 1_555 
_pdbx_struct_oper_list.symmetry_operation   x,y,z 
_pdbx_struct_oper_list.matrix[1][1]         1.0000000000 
_pdbx_struct_oper_list.matrix[1][2]         0.0000000000 
_pdbx_struct_oper_list.matrix[1][3]         0.0000000000 
_pdbx_struct_oper_list.vector[1]            0.0000000000 
_pdbx_struct_oper_list.matrix[2][1]         0.0000000000 
_pdbx_struct_oper_list.matrix[2][2]         1.0000000000 
_pdbx_struct_oper_list.matrix[2][3]         0.0000000000 
_pdbx_struct_oper_list.vector[2]            0.0000000000 
_pdbx_struct_oper_list.matrix[3][1]         0.0000000000 
_pdbx_struct_oper_list.matrix[3][2]         0.0000000000 
_pdbx_struct_oper_list.matrix[3][3]         1.0000000000 
_pdbx_struct_oper_list.vector[3]            0.0000000000 
# 
_struct_biol.id   1 
# 
loop_
_struct_conn.id 
_struct_conn.conn_type_id 
_struct_conn.pdbx_leaving_atom_flag 
_struct_conn.pdbx_PDB_id 
_struct_conn.ptnr1_label_asym_id 
_struct_conn.ptnr1_label_comp_id 
_struct_conn.ptnr1_label_seq_id 
_struct_conn.ptnr1_label_atom_id 
_struct_conn.pdbx_ptnr1_label_alt_id 
_struct_conn.pdbx_ptnr1_PDB_ins_code 
_struct_conn.pdbx_ptnr1_standard_comp_id 
_struct_conn.ptnr1_symmetry 
_struct_conn.ptnr2_label_asym_id 
_struct_conn.ptnr2_label_comp_id 
_struct_conn.ptnr2_label_seq_id 
_struct_conn.ptnr2_label_atom_id 
_struct_conn.pdbx_ptnr2_label_alt_id 
_struct_conn.pdbx_ptnr2_PDB_ins_code 
_struct_conn.ptnr1_auth_asym_id 
_struct_conn.ptnr1_auth_comp_id 
_struct_conn.ptnr1_auth_seq_id 
_struct_conn.ptnr2_auth_asym_id 
_struct_conn.ptnr2_auth_comp_id 
_struct_conn.ptnr2_auth_seq_id 
_struct_conn.ptnr2_symmetry 
_struct_conn.pdbx_ptnr3_label_atom_id 
_struct_conn.pdbx_ptnr3_label_seq_id 
_struct_conn.pdbx_ptnr3_label_comp_id 
_struct_conn.pdbx_ptnr3_label_asym_id 
_struct_conn.pdbx_ptnr3_label_alt_id 
_struct_conn.pdbx_ptnr3_PDB_ins_code 
_struct_conn.details 
_struct_conn.pdbx_dist_value 
_struct_conn.pdbx_value_order 
_struct_conn.pdbx_role 
hydrog1  hydrog ? ? A A 2 N1 ? ? ? 1_555 B DU 7 N3 ? ? A A 3 B DU 7 1_555 ? ? ? ? ? ? WATSON-CRICK ? ? ? 
hydrog2  hydrog ? ? A A 2 N6 ? ? ? 1_555 B DU 7 O4 ? ? A A 3 B DU 7 1_555 ? ? ? ? ? ? WATSON-CRICK ? ? ? 
hydrog3  hydrog ? ? A A 3 N1 ? ? ? 1_555 B DU 6 N3 ? ? A A 4 B DU 6 1_555 ? ? ? ? ? ? WATSON-CRICK ? ? ? 
hydrog4  hydrog ? ? A A 3 N6 ? ? ? 1_555 B DU 6 O4 ? ? A A 4 B DU 6 1_555 ? ? ? ? ? ? WATSON-CRICK ? ? ? 
hydrog5  hydrog ? ? A G 4 N1 ? ? ? 1_555 B DC 5 N3 ? ? A G 5 B DC 5 1_555 ? ? ? ? ? ? WATSON-CRICK ? ? ? 
hydrog6  hydrog ? ? A G 4 N2 ? ? ? 1_555 B DC 5 O2 ? ? A G 5 B DC 5 1_555 ? ? ? ? ? ? WATSON-CRICK ? ? ? 
hydrog7  hydrog ? ? A G 4 O6 ? ? ? 1_555 B DC 5 N4 ? ? A G 5 B DC 5 1_555 ? ? ? ? ? ? WATSON-CRICK ? ? ? 
hydrog8  hydrog ? ? A G 5 N1 ? ? ? 1_555 B DC 4 N3 ? ? A G 6 B DC 4 1_555 ? ? ? ? ? ? WATSON-CRICK ? ? ? 
hydrog9  hydrog ? ? A G 5 N2 ? ? ? 1_555 B DC 4 O2 ? ? A G 6 B DC 4 1_555 ? ? ? ? ? ? WATSON-CRICK ? ? ? 
hydrog10 hydrog ? ? A G 5 O6 ? ? ? 1_555 B DC 4 N4 ? ? A G 6 B DC 4 1_555 ? ? ? ? ? ? WATSON-CRICK ? ? ? 
hydrog11 hydrog ? ? A A 6 N1 ? ? ? 1_555 B DU 3 N3 ? ? A A 7 B DU 3 1_555 ? ? ? ? ? ? WATSON-CRICK ? ? ? 
hydrog12 hydrog ? ? A A 6 N6 ? ? ? 1_555 B DU 3 O4 ? ? A A 7 B DU 3 1_555 ? ? ? ? ? ? WATSON-CRICK ? ? ? 
hydrog13 hydrog ? ? A G 7 N1 ? ? ? 1_555 B DC 2 N3 ? ? A G 8 B DC 2 1_555 ? ? ? ? ? ? WATSON-CRICK ? ? ? 
hydrog14 hydrog ? ? A G 7 N2 ? ? ? 1_555 B DC 2 O2 ? ? A G 8 B DC 2 1_555 ? ? ? ? ? ? WATSON-CRICK ? ? ? 
hydrog15 hydrog ? ? A G 7 O6 ? ? ? 1_555 B DC 2 N4 ? ? A G 8 B DC 2 1_555 ? ? ? ? ? ? WATSON-CRICK ? ? ? 
hydrog16 hydrog ? ? A G 8 N1 ? ? ? 1_555 B DC 1 N3 ? ? A G 9 B DC 1 1_555 ? ? ? ? ? ? WATSON-CRICK ? ? ? 
hydrog17 hydrog ? ? A G 8 N2 ? ? ? 1_555 B DC 1 O2 ? ? A G 9 B DC 1 1_555 ? ? ? ? ? ? WATSON-CRICK ? ? ? 
hydrog18 hydrog ? ? A G 8 O6 ? ? ? 1_555 B DC 1 N4 ? ? A G 9 B DC 1 1_555 ? ? ? ? ? ? WATSON-CRICK ? ? ? 
# 
_struct_conn_type.id          hydrog 
_struct_conn_type.criteria    ? 
_struct_conn_type.reference   ? 
# 
loop_
_pdbx_validate_rmsd_bond.id 
_pdbx_validate_rmsd_bond.PDB_model_num 
_pdbx_validate_rmsd_bond.auth_atom_id_1 
_pdbx_validate_rmsd_bond.auth_asym_id_1 
_pdbx_validate_rmsd_bond.auth_comp_id_1 
_pdbx_validate_rmsd_bond.auth_seq_id_1 
_pdbx_validate_rmsd_bond.PDB_ins_code_1 
_pdbx_validate_rmsd_bond.label_alt_id_1 
_pdbx_validate_rmsd_bond.auth_atom_id_2 
_pdbx_validate_rmsd_bond.auth_asym_id_2 
_pdbx_validate_rmsd_bond.auth_comp_id_2 
_pdbx_validate_rmsd_bond.auth_seq_id_2 
_pdbx_validate_rmsd_bond.PDB_ins_code_2 
_pdbx_validate_rmsd_bond.label_alt_id_2 
_pdbx_validate_rmsd_bond.bond_value 
_pdbx_validate_rmsd_bond.bond_target_value 
_pdbx_validate_rmsd_bond.bond_deviation 
_pdbx_validate_rmsd_bond.bond_standard_deviation 
_pdbx_validate_rmsd_bond.linker_flag 
1  1 N3 A A  2  ? ? C4 A A  2  ? ? 1.466 1.344 0.122  0.006 N 
2  1 C4 A A  2  ? ? C5 A A  2  ? ? 1.461 1.383 0.078  0.007 N 
3  1 N7 A A  2  ? ? C8 A A  2  ? ? 1.378 1.311 0.067  0.007 N 
4  1 N3 A A  3  ? ? C4 A A  3  ? ? 1.464 1.344 0.120  0.006 N 
5  1 C4 A A  3  ? ? C5 A A  3  ? ? 1.460 1.383 0.077  0.007 N 
6  1 N7 A A  3  ? ? C8 A A  3  ? ? 1.379 1.311 0.068  0.007 N 
7  1 N3 A A  4  ? ? C4 A A  4  ? ? 1.466 1.344 0.122  0.006 N 
8  1 C4 A A  4  ? ? C5 A A  4  ? ? 1.460 1.383 0.077  0.007 N 
9  1 N7 A A  4  ? ? C8 A A  4  ? ? 1.380 1.311 0.069  0.007 N 
10 1 N1 A G  5  ? ? C2 A G  5  ? ? 1.467 1.373 0.094  0.008 N 
11 1 N3 A G  5  ? ? C4 A G  5  ? ? 1.448 1.350 0.098  0.007 N 
12 1 C4 A G  5  ? ? C5 A G  5  ? ? 1.437 1.379 0.058  0.007 N 
13 1 C5 A G  5  ? ? C6 A G  5  ? ? 1.549 1.419 0.130  0.010 N 
14 1 N7 A G  5  ? ? C8 A G  5  ? ? 1.375 1.305 0.070  0.006 N 
15 1 N1 A G  6  ? ? C2 A G  6  ? ? 1.465 1.373 0.092  0.008 N 
16 1 N3 A G  6  ? ? C4 A G  6  ? ? 1.445 1.350 0.095  0.007 N 
17 1 C4 A G  6  ? ? C5 A G  6  ? ? 1.437 1.379 0.058  0.007 N 
18 1 C5 A G  6  ? ? C6 A G  6  ? ? 1.551 1.419 0.132  0.010 N 
19 1 N7 A G  6  ? ? C8 A G  6  ? ? 1.377 1.305 0.072  0.006 N 
20 1 N3 A A  7  ? ? C4 A A  7  ? ? 1.466 1.344 0.122  0.006 N 
21 1 C4 A A  7  ? ? C5 A A  7  ? ? 1.458 1.383 0.075  0.007 N 
22 1 N7 A A  7  ? ? C8 A A  7  ? ? 1.377 1.311 0.066  0.007 N 
23 1 N1 A G  8  ? ? C2 A G  8  ? ? 1.466 1.373 0.093  0.008 N 
24 1 N3 A G  8  ? ? C4 A G  8  ? ? 1.446 1.350 0.096  0.007 N 
25 1 C4 A G  8  ? ? C5 A G  8  ? ? 1.437 1.379 0.058  0.007 N 
26 1 C5 A G  8  ? ? C6 A G  8  ? ? 1.551 1.419 0.132  0.010 N 
27 1 N7 A G  8  ? ? C8 A G  8  ? ? 1.377 1.305 0.072  0.006 N 
28 1 N1 A G  9  ? ? C2 A G  9  ? ? 1.466 1.373 0.093  0.008 N 
29 1 N3 A G  9  ? ? C4 A G  9  ? ? 1.446 1.350 0.096  0.007 N 
30 1 C4 A G  9  ? ? C5 A G  9  ? ? 1.436 1.379 0.057  0.007 N 
31 1 C5 A G  9  ? ? C6 A G  9  ? ? 1.549 1.419 0.130  0.010 N 
32 1 N7 A G  9  ? ? C8 A G  9  ? ? 1.376 1.305 0.071  0.006 N 
33 1 N3 A A  10 ? ? C4 A A  10 ? ? 1.465 1.344 0.121  0.006 N 
34 1 C4 A A  10 ? ? C5 A A  10 ? ? 1.458 1.383 0.075  0.007 N 
35 1 N7 A A  10 ? ? C8 A A  10 ? ? 1.379 1.311 0.068  0.007 N 
36 1 C4 B DC 1  ? ? N4 B DC 1  ? ? 1.407 1.335 0.072  0.009 N 
37 1 N1 B DC 1  ? ? C6 B DC 1  ? ? 1.498 1.367 0.131  0.006 N 
38 1 C2 B DC 1  ? ? N3 B DC 1  ? ? 1.470 1.353 0.117  0.008 N 
39 1 C4 B DC 1  ? ? C5 B DC 1  ? ? 1.369 1.425 -0.056 0.008 N 
40 1 C4 B DC 2  ? ? N4 B DC 2  ? ? 1.407 1.335 0.072  0.009 N 
41 1 N1 B DC 2  ? ? C6 B DC 2  ? ? 1.497 1.367 0.130  0.006 N 
42 1 C2 B DC 2  ? ? N3 B DC 2  ? ? 1.469 1.353 0.116  0.008 N 
43 1 C4 B DC 2  ? ? C5 B DC 2  ? ? 1.369 1.425 -0.056 0.008 N 
44 1 N1 B DU 3  ? ? C6 B DU 3  ? ? 1.493 1.375 0.118  0.009 N 
45 1 C4 B DU 3  ? ? C5 B DU 3  ? ? 1.546 1.431 0.115  0.009 N 
46 1 C4 B DC 4  ? ? N4 B DC 4  ? ? 1.406 1.335 0.071  0.009 N 
47 1 N1 B DC 4  ? ? C6 B DC 4  ? ? 1.496 1.367 0.129  0.006 N 
48 1 C2 B DC 4  ? ? N3 B DC 4  ? ? 1.470 1.353 0.117  0.008 N 
49 1 C4 B DC 4  ? ? C5 B DC 4  ? ? 1.369 1.425 -0.056 0.008 N 
50 1 C4 B DC 5  ? ? N4 B DC 5  ? ? 1.406 1.335 0.071  0.009 N 
51 1 N1 B DC 5  ? ? C6 B DC 5  ? ? 1.497 1.367 0.130  0.006 N 
52 1 C2 B DC 5  ? ? N3 B DC 5  ? ? 1.473 1.353 0.120  0.008 N 
53 1 C4 B DC 5  ? ? C5 B DC 5  ? ? 1.367 1.425 -0.058 0.008 N 
54 1 N1 B DU 6  ? ? C6 B DU 6  ? ? 1.492 1.375 0.117  0.009 N 
55 1 C4 B DU 6  ? ? C5 B DU 6  ? ? 1.550 1.431 0.119  0.009 N 
56 1 N1 B DU 7  ? ? C6 B DU 7  ? ? 1.494 1.375 0.119  0.009 N 
57 1 C4 B DU 7  ? ? C5 B DU 7  ? ? 1.547 1.431 0.116  0.009 N 
# 
loop_
_pdbx_validate_rmsd_angle.id 
_pdbx_validate_rmsd_angle.PDB_model_num 
_pdbx_validate_rmsd_angle.auth_atom_id_1 
_pdbx_validate_rmsd_angle.auth_asym_id_1 
_pdbx_validate_rmsd_angle.auth_comp_id_1 
_pdbx_validate_rmsd_angle.auth_seq_id_1 
_pdbx_validate_rmsd_angle.PDB_ins_code_1 
_pdbx_validate_rmsd_angle.label_alt_id_1 
_pdbx_validate_rmsd_angle.auth_atom_id_2 
_pdbx_validate_rmsd_angle.auth_asym_id_2 
_pdbx_validate_rmsd_angle.auth_comp_id_2 
_pdbx_validate_rmsd_angle.auth_seq_id_2 
_pdbx_validate_rmsd_angle.PDB_ins_code_2 
_pdbx_validate_rmsd_angle.label_alt_id_2 
_pdbx_validate_rmsd_angle.auth_atom_id_3 
_pdbx_validate_rmsd_angle.auth_asym_id_3 
_pdbx_validate_rmsd_angle.auth_comp_id_3 
_pdbx_validate_rmsd_angle.auth_seq_id_3 
_pdbx_validate_rmsd_angle.PDB_ins_code_3 
_pdbx_validate_rmsd_angle.label_alt_id_3 
_pdbx_validate_rmsd_angle.angle_value 
_pdbx_validate_rmsd_angle.angle_target_value 
_pdbx_validate_rmsd_angle.angle_deviation 
_pdbx_validate_rmsd_angle.angle_standard_deviation 
_pdbx_validate_rmsd_angle.linker_flag 
1   1 C2    A A  2  ? ? N3    A A  2  ? ? C4  A A  2  ? ? 115.80 110.60 5.20   0.50 N 
2   1 N3    A A  2  ? ? C4    A A  2  ? ? C5  A A  2  ? ? 117.36 126.80 -9.44  0.70 N 
3   1 C5    A A  2  ? ? N7    A A  2  ? ? C8  A A  2  ? ? 97.50  103.90 -6.40  0.50 N 
4   1 N7    A A  2  ? ? C8    A A  2  ? ? N9  A A  2  ? ? 122.44 113.80 8.64   0.50 N 
5   1 C8    A A  2  ? ? N9    A A  2  ? ? C4  A A  2  ? ? 99.30  105.80 -6.50  0.40 N 
6   1 N9    A A  2  ? ? C4    A A  2  ? ? C5  A A  2  ? ? 108.21 105.80 2.41   0.40 N 
7   1 N3    A A  2  ? ? C4    A A  2  ? ? N9  A A  2  ? ? 134.42 127.40 7.02   0.80 N 
8   1 OP1   A A  3  ? ? P     A A  3  ? ? OP2 A A  3  ? ? 109.96 119.60 -9.64  1.50 N 
9   1 C2    A A  3  ? ? N3    A A  3  ? ? C4  A A  3  ? ? 115.67 110.60 5.07   0.50 N 
10  1 N3    A A  3  ? ? C4    A A  3  ? ? C5  A A  3  ? ? 117.65 126.80 -9.15  0.70 N 
11  1 C5    A A  3  ? ? N7    A A  3  ? ? C8  A A  3  ? ? 97.34  103.90 -6.56  0.50 N 
12  1 N7    A A  3  ? ? C8    A A  3  ? ? N9  A A  3  ? ? 122.16 113.80 8.36   0.50 N 
13  1 C8    A A  3  ? ? N9    A A  3  ? ? C4  A A  3  ? ? 99.78  105.80 -6.02  0.40 N 
14  1 N3    A A  3  ? ? C4    A A  3  ? ? N9  A A  3  ? ? 134.24 127.40 6.84   0.80 N 
15  1 OP1   A A  4  ? ? P     A A  4  ? ? OP2 A A  4  ? ? 109.49 119.60 -10.11 1.50 N 
16  1 C2    A A  4  ? ? N3    A A  4  ? ? C4  A A  4  ? ? 115.71 110.60 5.11   0.50 N 
17  1 N3    A A  4  ? ? C4    A A  4  ? ? C5  A A  4  ? ? 117.54 126.80 -9.26  0.70 N 
18  1 C5    A A  4  ? ? N7    A A  4  ? ? C8  A A  4  ? ? 97.52  103.90 -6.38  0.50 N 
19  1 N7    A A  4  ? ? C8    A A  4  ? ? N9  A A  4  ? ? 122.07 113.80 8.27   0.50 N 
20  1 C8    A A  4  ? ? N9    A A  4  ? ? C4  A A  4  ? ? 99.71  105.80 -6.09  0.40 N 
21  1 N3    A A  4  ? ? C4    A A  4  ? ? N9  A A  4  ? ? 134.28 127.40 6.88   0.80 N 
22  1 OP1   A G  5  ? ? P     A G  5  ? ? OP2 A G  5  ? ? 109.57 119.60 -10.03 1.50 N 
23  1 C2    A G  5  ? ? N3    A G  5  ? ? C4  A G  5  ? ? 123.11 111.90 11.21  0.50 N 
24  1 N3    A G  5  ? ? C4    A G  5  ? ? C5  A G  5  ? ? 117.65 128.60 -10.95 0.50 N 
25  1 C5    A G  5  ? ? C6    A G  5  ? ? N1  A G  5  ? ? 115.31 111.50 3.81   0.50 N 
26  1 C4    A G  5  ? ? C5    A G  5  ? ? N7  A G  5  ? ? 113.48 110.80 2.68   0.40 N 
27  1 C5    A G  5  ? ? N7    A G  5  ? ? C8  A G  5  ? ? 97.10  104.30 -7.20  0.50 N 
28  1 N7    A G  5  ? ? C8    A G  5  ? ? N9  A G  5  ? ? 121.92 113.10 8.82   0.50 N 
29  1 C8    A G  5  ? ? N9    A G  5  ? ? C4  A G  5  ? ? 99.46  106.40 -6.94  0.40 N 
30  1 N9    A G  5  ? ? C4    A G  5  ? ? C5  A G  5  ? ? 107.98 105.40 2.58   0.40 N 
31  1 N3    A G  5  ? ? C4    A G  5  ? ? N9  A G  5  ? ? 134.35 126.00 8.35   0.60 N 
32  1 C6    A G  5  ? ? C5    A G  5  ? ? N7  A G  5  ? ? 126.79 130.40 -3.61  0.60 N 
33  1 C5    A G  5  ? ? C6    A G  5  ? ? O6  A G  5  ? ? 123.58 128.60 -5.02  0.60 N 
34  1 OP1   A G  6  ? ? P     A G  6  ? ? OP2 A G  6  ? ? 109.56 119.60 -10.04 1.50 N 
35  1 C2    A G  6  ? ? N3    A G  6  ? ? C4  A G  6  ? ? 123.08 111.90 11.18  0.50 N 
36  1 N3    A G  6  ? ? C4    A G  6  ? ? C5  A G  6  ? ? 117.80 128.60 -10.80 0.50 N 
37  1 C5    A G  6  ? ? C6    A G  6  ? ? N1  A G  6  ? ? 115.04 111.50 3.54   0.50 N 
38  1 C4    A G  6  ? ? C5    A G  6  ? ? N7  A G  6  ? ? 113.33 110.80 2.53   0.40 N 
39  1 C5    A G  6  ? ? N7    A G  6  ? ? C8  A G  6  ? ? 97.16  104.30 -7.14  0.50 N 
40  1 N7    A G  6  ? ? C8    A G  6  ? ? N9  A G  6  ? ? 121.79 113.10 8.69   0.50 N 
41  1 C8    A G  6  ? ? N9    A G  6  ? ? C4  A G  6  ? ? 99.48  106.40 -6.92  0.40 N 
42  1 N9    A G  6  ? ? C4    A G  6  ? ? C5  A G  6  ? ? 108.20 105.40 2.80   0.40 N 
43  1 N3    A G  6  ? ? C4    A G  6  ? ? N9  A G  6  ? ? 134.01 126.00 8.01   0.60 N 
44  1 C5    A G  6  ? ? C6    A G  6  ? ? O6  A G  6  ? ? 123.85 128.60 -4.75  0.60 N 
45  1 OP1   A A  7  ? ? P     A A  7  ? ? OP2 A A  7  ? ? 109.49 119.60 -10.11 1.50 N 
46  1 C2    A A  7  ? ? N3    A A  7  ? ? C4  A A  7  ? ? 115.68 110.60 5.08   0.50 N 
47  1 N3    A A  7  ? ? C4    A A  7  ? ? C5  A A  7  ? ? 117.53 126.80 -9.27  0.70 N 
48  1 C5    A A  7  ? ? N7    A A  7  ? ? C8  A A  7  ? ? 97.38  103.90 -6.52  0.50 N 
49  1 N7    A A  7  ? ? C8    A A  7  ? ? N9  A A  7  ? ? 122.27 113.80 8.47   0.50 N 
50  1 C8    A A  7  ? ? N9    A A  7  ? ? C4  A A  7  ? ? 99.61  105.80 -6.19  0.40 N 
51  1 N3    A A  7  ? ? C4    A A  7  ? ? N9  A A  7  ? ? 134.41 127.40 7.01   0.80 N 
52  1 OP1   A G  8  ? ? P     A G  8  ? ? OP2 A G  8  ? ? 109.53 119.60 -10.07 1.50 N 
53  1 C2    A G  8  ? ? N3    A G  8  ? ? C4  A G  8  ? ? 123.14 111.90 11.24  0.50 N 
54  1 N3    A G  8  ? ? C4    A G  8  ? ? C5  A G  8  ? ? 117.69 128.60 -10.91 0.50 N 
55  1 C5    A G  8  ? ? C6    A G  8  ? ? N1  A G  8  ? ? 115.08 111.50 3.58   0.50 N 
56  1 C4    A G  8  ? ? C5    A G  8  ? ? N7  A G  8  ? ? 113.33 110.80 2.53   0.40 N 
57  1 C5    A G  8  ? ? N7    A G  8  ? ? C8  A G  8  ? ? 97.16  104.30 -7.14  0.50 N 
58  1 N7    A G  8  ? ? C8    A G  8  ? ? N9  A G  8  ? ? 121.84 113.10 8.74   0.50 N 
59  1 C8    A G  8  ? ? N9    A G  8  ? ? C4  A G  8  ? ? 99.43  106.40 -6.97  0.40 N 
60  1 N9    A G  8  ? ? C4    A G  8  ? ? C5  A G  8  ? ? 108.19 105.40 2.79   0.40 N 
61  1 N3    A G  8  ? ? C4    A G  8  ? ? N9  A G  8  ? ? 134.08 126.00 8.08   0.60 N 
62  1 C5    A G  8  ? ? C6    A G  8  ? ? O6  A G  8  ? ? 123.89 128.60 -4.71  0.60 N 
63  1 OP1   A G  9  ? ? P     A G  9  ? ? OP2 A G  9  ? ? 109.51 119.60 -10.09 1.50 N 
64  1 C2    A G  9  ? ? N3    A G  9  ? ? C4  A G  9  ? ? 123.01 111.90 11.11  0.50 N 
65  1 N3    A G  9  ? ? C4    A G  9  ? ? C5  A G  9  ? ? 117.78 128.60 -10.82 0.50 N 
66  1 C5    A G  9  ? ? C6    A G  9  ? ? N1  A G  9  ? ? 115.20 111.50 3.70   0.50 N 
67  1 C4    A G  9  ? ? C5    A G  9  ? ? N7  A G  9  ? ? 113.42 110.80 2.62   0.40 N 
68  1 C5    A G  9  ? ? N7    A G  9  ? ? C8  A G  9  ? ? 97.07  104.30 -7.23  0.50 N 
69  1 N7    A G  9  ? ? C8    A G  9  ? ? N9  A G  9  ? ? 121.79 113.10 8.69   0.50 N 
70  1 C8    A G  9  ? ? N9    A G  9  ? ? C4  A G  9  ? ? 99.49  106.40 -6.91  0.40 N 
71  1 N9    A G  9  ? ? C4    A G  9  ? ? C5  A G  9  ? ? 108.13 105.40 2.73   0.40 N 
72  1 N3    A G  9  ? ? C4    A G  9  ? ? N9  A G  9  ? ? 134.04 126.00 8.04   0.60 N 
73  1 C5    A G  9  ? ? C6    A G  9  ? ? O6  A G  9  ? ? 123.72 128.60 -4.88  0.60 N 
74  1 OP1   A A  10 ? ? P     A A  10 ? ? OP2 A A  10 ? ? 109.45 119.60 -10.15 1.50 N 
75  1 C2    A A  10 ? ? N3    A A  10 ? ? C4  A A  10 ? ? 115.72 110.60 5.12   0.50 N 
76  1 N3    A A  10 ? ? C4    A A  10 ? ? C5  A A  10 ? ? 117.57 126.80 -9.23  0.70 N 
77  1 C5    A A  10 ? ? N7    A A  10 ? ? C8  A A  10 ? ? 97.50  103.90 -6.40  0.50 N 
78  1 N7    A A  10 ? ? C8    A A  10 ? ? N9  A A  10 ? ? 122.04 113.80 8.24   0.50 N 
79  1 C8    A A  10 ? ? N9    A A  10 ? ? C4  A A  10 ? ? 99.78  105.80 -6.02  0.40 N 
80  1 N3    A A  10 ? ? C4    A A  10 ? ? N9  A A  10 ? ? 134.33 127.40 6.93   0.80 N 
81  1 "O4'" B DC 1  ? ? "C1'" B DC 1  ? ? N1  B DC 1  ? ? 111.70 108.30 3.40   0.30 N 
82  1 C6    B DC 1  ? ? N1    B DC 1  ? ? C2  B DC 1  ? ? 117.33 120.30 -2.97  0.40 N 
83  1 C4    B DC 1  ? ? C5    B DC 1  ? ? C6  B DC 1  ? ? 121.03 117.40 3.63   0.50 N 
84  1 OP1   B DC 2  ? ? P     B DC 2  ? ? OP2 B DC 2  ? ? 109.78 119.60 -9.82  1.50 N 
85  1 "O4'" B DC 2  ? ? "C1'" B DC 2  ? ? N1  B DC 2  ? ? 112.37 108.30 4.07   0.30 N 
86  1 C6    B DC 2  ? ? N1    B DC 2  ? ? C2  B DC 2  ? ? 117.17 120.30 -3.13  0.40 N 
87  1 C4    B DC 2  ? ? C5    B DC 2  ? ? C6  B DC 2  ? ? 120.98 117.40 3.58   0.50 N 
88  1 OP1   B DU 3  ? ? P     B DU 3  ? ? OP2 B DU 3  ? ? 109.62 119.60 -9.98  1.50 N 
89  1 "O4'" B DU 3  ? ? "C1'" B DU 3  ? ? N1  B DU 3  ? ? 111.81 108.30 3.51   0.30 N 
90  1 N1    B DU 3  ? ? C2    B DU 3  ? ? N3  B DU 3  ? ? 120.53 114.90 5.63   0.60 N 
91  1 N3    B DU 3  ? ? C2    B DU 3  ? ? O2  B DU 3  ? ? 116.41 122.20 -5.79  0.70 N 
92  1 C5    B DU 3  ? ? C4    B DU 3  ? ? O4  B DU 3  ? ? 122.15 125.90 -3.75  0.60 N 
93  1 OP1   B DC 4  ? ? P     B DC 4  ? ? OP2 B DC 4  ? ? 109.45 119.60 -10.15 1.50 N 
94  1 "O4'" B DC 4  ? ? "C1'" B DC 4  ? ? N1  B DC 4  ? ? 111.64 108.30 3.34   0.30 N 
95  1 C6    B DC 4  ? ? N1    B DC 4  ? ? C2  B DC 4  ? ? 117.38 120.30 -2.92  0.40 N 
96  1 C4    B DC 4  ? ? C5    B DC 4  ? ? C6  B DC 4  ? ? 120.94 117.40 3.54   0.50 N 
97  1 OP1   B DC 5  ? ? P     B DC 5  ? ? OP2 B DC 5  ? ? 109.54 119.60 -10.06 1.50 N 
98  1 "O4'" B DC 5  ? ? "C1'" B DC 5  ? ? N1  B DC 5  ? ? 110.78 108.30 2.48   0.30 N 
99  1 C6    B DC 5  ? ? N1    B DC 5  ? ? C2  B DC 5  ? ? 117.43 120.30 -2.87  0.40 N 
100 1 C4    B DC 5  ? ? C5    B DC 5  ? ? C6  B DC 5  ? ? 121.01 117.40 3.61   0.50 N 
101 1 OP1   B DU 6  ? ? P     B DU 6  ? ? OP2 B DU 6  ? ? 109.42 119.60 -10.18 1.50 N 
102 1 "O4'" B DU 6  ? ? "C1'" B DU 6  ? ? N1  B DU 6  ? ? 111.19 108.30 2.89   0.30 N 
103 1 N1    B DU 6  ? ? C2    B DU 6  ? ? N3  B DU 6  ? ? 120.52 114.90 5.62   0.60 N 
104 1 N3    B DU 6  ? ? C2    B DU 6  ? ? O2  B DU 6  ? ? 116.47 122.20 -5.73  0.70 N 
105 1 OP1   B DU 7  ? ? P     B DU 7  ? ? OP2 B DU 7  ? ? 109.60 119.60 -10.00 1.50 N 
106 1 N1    B DU 7  ? ? C2    B DU 7  ? ? N3  B DU 7  ? ? 120.53 114.90 5.63   0.60 N 
107 1 N3    B DU 7  ? ? C2    B DU 7  ? ? O2  B DU 7  ? ? 116.32 122.20 -5.88  0.70 N 
# 
loop_
_pdbx_validate_planes.id 
_pdbx_validate_planes.PDB_model_num 
_pdbx_validate_planes.auth_comp_id 
_pdbx_validate_planes.auth_asym_id 
_pdbx_validate_planes.auth_seq_id 
_pdbx_validate_planes.PDB_ins_code 
_pdbx_validate_planes.label_alt_id 
_pdbx_validate_planes.rmsd 
_pdbx_validate_planes.type 
1 1 A A 2 ? ? 0.076 'SIDE CHAIN' 
2 1 G A 9 ? ? 0.072 'SIDE CHAIN' 
# 
_pdbx_nmr_ensemble.entry_id                             1NTQ 
_pdbx_nmr_ensemble.conformers_calculated_total_number   ? 
_pdbx_nmr_ensemble.conformers_submitted_total_number    1 
_pdbx_nmr_ensemble.conformer_selection_criteria         ? 
# 
_pdbx_nmr_representative.entry_id             1NTQ 
_pdbx_nmr_representative.conformer_id         1 
_pdbx_nmr_representative.selection_criteria   'minimized average structure' 
# 
loop_
_pdbx_nmr_sample_details.solution_id 
_pdbx_nmr_sample_details.contents 
_pdbx_nmr_sample_details.solvent_system 
1 '~1mM hybrid, 80 mM NaCl, 10 mM phosphate buffer, 0.5 mM EDTA, 90% H2O, 10% D2O' '90% H2O/10% D2O' 
2 '~2.5 mM hybrid, 80 mM NaCl, 10 mM phosphate, 0.5 mM EDTA, 99.996% D2O'          '99.996% D2O'     
# 
loop_
_pdbx_nmr_exptl_sample_conditions.conditions_id 
_pdbx_nmr_exptl_sample_conditions.temperature 
_pdbx_nmr_exptl_sample_conditions.pressure 
_pdbx_nmr_exptl_sample_conditions.pH 
_pdbx_nmr_exptl_sample_conditions.ionic_strength 
_pdbx_nmr_exptl_sample_conditions.pressure_units 
_pdbx_nmr_exptl_sample_conditions.temperature_units 
1 273 ambient 7.0 '80 mM NaCl' ? K 
2 303 ambient 7.0 '80 mM NaCl' ? K 
# 
_pdbx_nmr_exptl.experiment_id   1 
_pdbx_nmr_exptl.solution_id     2 
_pdbx_nmr_exptl.conditions_id   2 
_pdbx_nmr_exptl.type            '2D NOESY' 
# 
_pdbx_nmr_refine.entry_id           1NTQ 
_pdbx_nmr_refine.method             'simulated annealing, energy minimization' 
_pdbx_nmr_refine.details            
;The structure is based on a total of 140 interproton distance restraints, 18 hydrogen bond restraints, and 104 dihedral angle restraints.
;
_pdbx_nmr_refine.software_ordinal   1 
# 
loop_
_pdbx_nmr_software.name 
_pdbx_nmr_software.version 
_pdbx_nmr_software.classification 
_pdbx_nmr_software.authors 
_pdbx_nmr_software.ordinal 
VNMR     5.2  collection           Varian 1 
Felix    2000 'data analysis'      MSI    2 
Discover 95.0 'structure solution' MSI    3 
Discover 95.0 refinement           MSI    4 
# 
loop_
_chem_comp_atom.comp_id 
_chem_comp_atom.atom_id 
_chem_comp_atom.type_symbol 
_chem_comp_atom.pdbx_aromatic_flag 
_chem_comp_atom.pdbx_stereo_config 
_chem_comp_atom.pdbx_ordinal 
A  OP3    O N N 1   
A  P      P N N 2   
A  OP1    O N N 3   
A  OP2    O N N 4   
A  "O5'"  O N N 5   
A  "C5'"  C N N 6   
A  "C4'"  C N R 7   
A  "O4'"  O N N 8   
A  "C3'"  C N S 9   
A  "O3'"  O N N 10  
A  "C2'"  C N R 11  
A  "O2'"  O N N 12  
A  "C1'"  C N R 13  
A  N9     N Y N 14  
A  C8     C Y N 15  
A  N7     N Y N 16  
A  C5     C Y N 17  
A  C6     C Y N 18  
A  N6     N N N 19  
A  N1     N Y N 20  
A  C2     C Y N 21  
A  N3     N Y N 22  
A  C4     C Y N 23  
A  HOP3   H N N 24  
A  HOP2   H N N 25  
A  "H5'"  H N N 26  
A  "H5''" H N N 27  
A  "H4'"  H N N 28  
A  "H3'"  H N N 29  
A  "HO3'" H N N 30  
A  "H2'"  H N N 31  
A  "HO2'" H N N 32  
A  "H1'"  H N N 33  
A  H8     H N N 34  
A  H61    H N N 35  
A  H62    H N N 36  
A  H2     H N N 37  
DC OP3    O N N 38  
DC P      P N N 39  
DC OP1    O N N 40  
DC OP2    O N N 41  
DC "O5'"  O N N 42  
DC "C5'"  C N N 43  
DC "C4'"  C N R 44  
DC "O4'"  O N N 45  
DC "C3'"  C N S 46  
DC "O3'"  O N N 47  
DC "C2'"  C N N 48  
DC "C1'"  C N R 49  
DC N1     N N N 50  
DC C2     C N N 51  
DC O2     O N N 52  
DC N3     N N N 53  
DC C4     C N N 54  
DC N4     N N N 55  
DC C5     C N N 56  
DC C6     C N N 57  
DC HOP3   H N N 58  
DC HOP2   H N N 59  
DC "H5'"  H N N 60  
DC "H5''" H N N 61  
DC "H4'"  H N N 62  
DC "H3'"  H N N 63  
DC "HO3'" H N N 64  
DC "H2'"  H N N 65  
DC "H2''" H N N 66  
DC "H1'"  H N N 67  
DC H41    H N N 68  
DC H42    H N N 69  
DC H5     H N N 70  
DC H6     H N N 71  
DU OP3    O N N 72  
DU P      P N N 73  
DU OP1    O N N 74  
DU OP2    O N N 75  
DU "O5'"  O N N 76  
DU "C5'"  C N N 77  
DU "C4'"  C N R 78  
DU "O4'"  O N N 79  
DU "C3'"  C N S 80  
DU "O3'"  O N N 81  
DU "C2'"  C N N 82  
DU "C1'"  C N R 83  
DU N1     N N N 84  
DU C2     C N N 85  
DU O2     O N N 86  
DU N3     N N N 87  
DU C4     C N N 88  
DU O4     O N N 89  
DU C5     C N N 90  
DU C6     C N N 91  
DU HOP3   H N N 92  
DU HOP2   H N N 93  
DU "H5'"  H N N 94  
DU "H5''" H N N 95  
DU "H4'"  H N N 96  
DU "H3'"  H N N 97  
DU "HO3'" H N N 98  
DU "H2'"  H N N 99  
DU "H2''" H N N 100 
DU "H1'"  H N N 101 
DU H3     H N N 102 
DU H5     H N N 103 
DU H6     H N N 104 
G  OP3    O N N 105 
G  P      P N N 106 
G  OP1    O N N 107 
G  OP2    O N N 108 
G  "O5'"  O N N 109 
G  "C5'"  C N N 110 
G  "C4'"  C N R 111 
G  "O4'"  O N N 112 
G  "C3'"  C N S 113 
G  "O3'"  O N N 114 
G  "C2'"  C N R 115 
G  "O2'"  O N N 116 
G  "C1'"  C N R 117 
G  N9     N Y N 118 
G  C8     C Y N 119 
G  N7     N Y N 120 
G  C5     C Y N 121 
G  C6     C N N 122 
G  O6     O N N 123 
G  N1     N N N 124 
G  C2     C N N 125 
G  N2     N N N 126 
G  N3     N N N 127 
G  C4     C Y N 128 
G  HOP3   H N N 129 
G  HOP2   H N N 130 
G  "H5'"  H N N 131 
G  "H5''" H N N 132 
G  "H4'"  H N N 133 
G  "H3'"  H N N 134 
G  "HO3'" H N N 135 
G  "H2'"  H N N 136 
G  "HO2'" H N N 137 
G  "H1'"  H N N 138 
G  H8     H N N 139 
G  H1     H N N 140 
G  H21    H N N 141 
G  H22    H N N 142 
# 
loop_
_chem_comp_bond.comp_id 
_chem_comp_bond.atom_id_1 
_chem_comp_bond.atom_id_2 
_chem_comp_bond.value_order 
_chem_comp_bond.pdbx_aromatic_flag 
_chem_comp_bond.pdbx_stereo_config 
_chem_comp_bond.pdbx_ordinal 
A  OP3   P      sing N N 1   
A  OP3   HOP3   sing N N 2   
A  P     OP1    doub N N 3   
A  P     OP2    sing N N 4   
A  P     "O5'"  sing N N 5   
A  OP2   HOP2   sing N N 6   
A  "O5'" "C5'"  sing N N 7   
A  "C5'" "C4'"  sing N N 8   
A  "C5'" "H5'"  sing N N 9   
A  "C5'" "H5''" sing N N 10  
A  "C4'" "O4'"  sing N N 11  
A  "C4'" "C3'"  sing N N 12  
A  "C4'" "H4'"  sing N N 13  
A  "O4'" "C1'"  sing N N 14  
A  "C3'" "O3'"  sing N N 15  
A  "C3'" "C2'"  sing N N 16  
A  "C3'" "H3'"  sing N N 17  
A  "O3'" "HO3'" sing N N 18  
A  "C2'" "O2'"  sing N N 19  
A  "C2'" "C1'"  sing N N 20  
A  "C2'" "H2'"  sing N N 21  
A  "O2'" "HO2'" sing N N 22  
A  "C1'" N9     sing N N 23  
A  "C1'" "H1'"  sing N N 24  
A  N9    C8     sing Y N 25  
A  N9    C4     sing Y N 26  
A  C8    N7     doub Y N 27  
A  C8    H8     sing N N 28  
A  N7    C5     sing Y N 29  
A  C5    C6     sing Y N 30  
A  C5    C4     doub Y N 31  
A  C6    N6     sing N N 32  
A  C6    N1     doub Y N 33  
A  N6    H61    sing N N 34  
A  N6    H62    sing N N 35  
A  N1    C2     sing Y N 36  
A  C2    N3     doub Y N 37  
A  C2    H2     sing N N 38  
A  N3    C4     sing Y N 39  
DC OP3   P      sing N N 40  
DC OP3   HOP3   sing N N 41  
DC P     OP1    doub N N 42  
DC P     OP2    sing N N 43  
DC P     "O5'"  sing N N 44  
DC OP2   HOP2   sing N N 45  
DC "O5'" "C5'"  sing N N 46  
DC "C5'" "C4'"  sing N N 47  
DC "C5'" "H5'"  sing N N 48  
DC "C5'" "H5''" sing N N 49  
DC "C4'" "O4'"  sing N N 50  
DC "C4'" "C3'"  sing N N 51  
DC "C4'" "H4'"  sing N N 52  
DC "O4'" "C1'"  sing N N 53  
DC "C3'" "O3'"  sing N N 54  
DC "C3'" "C2'"  sing N N 55  
DC "C3'" "H3'"  sing N N 56  
DC "O3'" "HO3'" sing N N 57  
DC "C2'" "C1'"  sing N N 58  
DC "C2'" "H2'"  sing N N 59  
DC "C2'" "H2''" sing N N 60  
DC "C1'" N1     sing N N 61  
DC "C1'" "H1'"  sing N N 62  
DC N1    C2     sing N N 63  
DC N1    C6     sing N N 64  
DC C2    O2     doub N N 65  
DC C2    N3     sing N N 66  
DC N3    C4     doub N N 67  
DC C4    N4     sing N N 68  
DC C4    C5     sing N N 69  
DC N4    H41    sing N N 70  
DC N4    H42    sing N N 71  
DC C5    C6     doub N N 72  
DC C5    H5     sing N N 73  
DC C6    H6     sing N N 74  
DU OP3   P      sing N N 75  
DU OP3   HOP3   sing N N 76  
DU P     OP1    doub N N 77  
DU P     OP2    sing N N 78  
DU P     "O5'"  sing N N 79  
DU OP2   HOP2   sing N N 80  
DU "O5'" "C5'"  sing N N 81  
DU "C5'" "C4'"  sing N N 82  
DU "C5'" "H5'"  sing N N 83  
DU "C5'" "H5''" sing N N 84  
DU "C4'" "O4'"  sing N N 85  
DU "C4'" "C3'"  sing N N 86  
DU "C4'" "H4'"  sing N N 87  
DU "O4'" "C1'"  sing N N 88  
DU "C3'" "O3'"  sing N N 89  
DU "C3'" "C2'"  sing N N 90  
DU "C3'" "H3'"  sing N N 91  
DU "O3'" "HO3'" sing N N 92  
DU "C2'" "C1'"  sing N N 93  
DU "C2'" "H2'"  sing N N 94  
DU "C2'" "H2''" sing N N 95  
DU "C1'" N1     sing N N 96  
DU "C1'" "H1'"  sing N N 97  
DU N1    C2     sing N N 98  
DU N1    C6     sing N N 99  
DU C2    O2     doub N N 100 
DU C2    N3     sing N N 101 
DU N3    C4     sing N N 102 
DU N3    H3     sing N N 103 
DU C4    O4     doub N N 104 
DU C4    C5     sing N N 105 
DU C5    C6     doub N N 106 
DU C5    H5     sing N N 107 
DU C6    H6     sing N N 108 
G  OP3   P      sing N N 109 
G  OP3   HOP3   sing N N 110 
G  P     OP1    doub N N 111 
G  P     OP2    sing N N 112 
G  P     "O5'"  sing N N 113 
G  OP2   HOP2   sing N N 114 
G  "O5'" "C5'"  sing N N 115 
G  "C5'" "C4'"  sing N N 116 
G  "C5'" "H5'"  sing N N 117 
G  "C5'" "H5''" sing N N 118 
G  "C4'" "O4'"  sing N N 119 
G  "C4'" "C3'"  sing N N 120 
G  "C4'" "H4'"  sing N N 121 
G  "O4'" "C1'"  sing N N 122 
G  "C3'" "O3'"  sing N N 123 
G  "C3'" "C2'"  sing N N 124 
G  "C3'" "H3'"  sing N N 125 
G  "O3'" "HO3'" sing N N 126 
G  "C2'" "O2'"  sing N N 127 
G  "C2'" "C1'"  sing N N 128 
G  "C2'" "H2'"  sing N N 129 
G  "O2'" "HO2'" sing N N 130 
G  "C1'" N9     sing N N 131 
G  "C1'" "H1'"  sing N N 132 
G  N9    C8     sing Y N 133 
G  N9    C4     sing Y N 134 
G  C8    N7     doub Y N 135 
G  C8    H8     sing N N 136 
G  N7    C5     sing Y N 137 
G  C5    C6     sing N N 138 
G  C5    C4     doub Y N 139 
G  C6    O6     doub N N 140 
G  C6    N1     sing N N 141 
G  N1    C2     sing N N 142 
G  N1    H1     sing N N 143 
G  C2    N2     sing N N 144 
G  C2    N3     doub N N 145 
G  N2    H21    sing N N 146 
G  N2    H22    sing N N 147 
G  N3    C4     sing N N 148 
# 
loop_
_ndb_struct_conf_na.entry_id 
_ndb_struct_conf_na.feature 
1NTQ 'double helix'        
1NTQ 'a-form double helix' 
# 
loop_
_ndb_struct_na_base_pair.model_number 
_ndb_struct_na_base_pair.i_label_asym_id 
_ndb_struct_na_base_pair.i_label_comp_id 
_ndb_struct_na_base_pair.i_label_seq_id 
_ndb_struct_na_base_pair.i_symmetry 
_ndb_struct_na_base_pair.j_label_asym_id 
_ndb_struct_na_base_pair.j_label_comp_id 
_ndb_struct_na_base_pair.j_label_seq_id 
_ndb_struct_na_base_pair.j_symmetry 
_ndb_struct_na_base_pair.shear 
_ndb_struct_na_base_pair.stretch 
_ndb_struct_na_base_pair.stagger 
_ndb_struct_na_base_pair.buckle 
_ndb_struct_na_base_pair.propeller 
_ndb_struct_na_base_pair.opening 
_ndb_struct_na_base_pair.pair_number 
_ndb_struct_na_base_pair.pair_name 
_ndb_struct_na_base_pair.i_auth_asym_id 
_ndb_struct_na_base_pair.i_auth_seq_id 
_ndb_struct_na_base_pair.i_PDB_ins_code 
_ndb_struct_na_base_pair.j_auth_asym_id 
_ndb_struct_na_base_pair.j_auth_seq_id 
_ndb_struct_na_base_pair.j_PDB_ins_code 
_ndb_struct_na_base_pair.hbond_type_28 
_ndb_struct_na_base_pair.hbond_type_12 
1 A A 2 1_555 B DU 7 1_555 -0.086 0.389  -0.517 -25.523 -18.267 7.475  1 A_A3:DU7_B A 3 ? B 7 ? 20 1 
1 A A 3 1_555 B DU 6 1_555 -0.525 0.223  0.262  -4.406  -19.819 4.729  2 A_A4:DU6_B A 4 ? B 6 ? 20 1 
1 A G 4 1_555 B DC 5 1_555 -0.620 0.083  0.211  -0.516  -12.466 -9.080 3 A_G5:DC5_B A 5 ? B 5 ? 19 1 
1 A G 5 1_555 B DC 4 1_555 -1.249 -0.048 0.115  4.537   -22.294 2.356  4 A_G6:DC4_B A 6 ? B 4 ? 19 1 
1 A A 6 1_555 B DU 3 1_555 0.390  0.313  0.239  5.431   -9.861  -8.766 5 A_A7:DU3_B A 7 ? B 3 ? 20 1 
1 A G 7 1_555 B DC 2 1_555 -1.234 -0.049 0.205  7.729   -22.318 0.731  6 A_G8:DC2_B A 8 ? B 2 ? 19 1 
1 A G 8 1_555 B DC 1 1_555 -0.784 -0.003 -0.617 -7.753  -30.016 -0.189 7 A_G9:DC1_B A 9 ? B 1 ? 19 1 
# 
loop_
_ndb_struct_na_base_pair_step.model_number 
_ndb_struct_na_base_pair_step.i_label_asym_id_1 
_ndb_struct_na_base_pair_step.i_label_comp_id_1 
_ndb_struct_na_base_pair_step.i_label_seq_id_1 
_ndb_struct_na_base_pair_step.i_symmetry_1 
_ndb_struct_na_base_pair_step.j_label_asym_id_1 
_ndb_struct_na_base_pair_step.j_label_comp_id_1 
_ndb_struct_na_base_pair_step.j_label_seq_id_1 
_ndb_struct_na_base_pair_step.j_symmetry_1 
_ndb_struct_na_base_pair_step.i_label_asym_id_2 
_ndb_struct_na_base_pair_step.i_label_comp_id_2 
_ndb_struct_na_base_pair_step.i_label_seq_id_2 
_ndb_struct_na_base_pair_step.i_symmetry_2 
_ndb_struct_na_base_pair_step.j_label_asym_id_2 
_ndb_struct_na_base_pair_step.j_label_comp_id_2 
_ndb_struct_na_base_pair_step.j_label_seq_id_2 
_ndb_struct_na_base_pair_step.j_symmetry_2 
_ndb_struct_na_base_pair_step.shift 
_ndb_struct_na_base_pair_step.slide 
_ndb_struct_na_base_pair_step.rise 
_ndb_struct_na_base_pair_step.tilt 
_ndb_struct_na_base_pair_step.roll 
_ndb_struct_na_base_pair_step.twist 
_ndb_struct_na_base_pair_step.x_displacement 
_ndb_struct_na_base_pair_step.y_displacement 
_ndb_struct_na_base_pair_step.helical_rise 
_ndb_struct_na_base_pair_step.inclination 
_ndb_struct_na_base_pair_step.tip 
_ndb_struct_na_base_pair_step.helical_twist 
_ndb_struct_na_base_pair_step.step_number 
_ndb_struct_na_base_pair_step.step_name 
_ndb_struct_na_base_pair_step.i_auth_asym_id_1 
_ndb_struct_na_base_pair_step.i_auth_seq_id_1 
_ndb_struct_na_base_pair_step.i_PDB_ins_code_1 
_ndb_struct_na_base_pair_step.j_auth_asym_id_1 
_ndb_struct_na_base_pair_step.j_auth_seq_id_1 
_ndb_struct_na_base_pair_step.j_PDB_ins_code_1 
_ndb_struct_na_base_pair_step.i_auth_asym_id_2 
_ndb_struct_na_base_pair_step.i_auth_seq_id_2 
_ndb_struct_na_base_pair_step.i_PDB_ins_code_2 
_ndb_struct_na_base_pair_step.j_auth_asym_id_2 
_ndb_struct_na_base_pair_step.j_auth_seq_id_2 
_ndb_struct_na_base_pair_step.j_PDB_ins_code_2 
1 A A 2 1_555 B DU 7 1_555 A A 3 1_555 B DU 6 1_555 0.072  -0.330 3.014 -3.304 1.613  27.510 -1.044 -0.882 2.961 3.373  6.909  
27.750 1 AA_A3A4:DU6DU7_BB A 3 ? B 7 ? A 4 ? B 6 ? 
1 A A 3 1_555 B DU 6 1_555 A G 4 1_555 B DC 5 1_555 -0.407 -0.810 3.365 2.013  -1.354 34.594 -1.144 1.001  3.365 -2.274 -3.380 
34.677 2 AA_A4G5:DC5DU6_BB A 4 ? B 6 ? A 5 ? B 5 ? 
1 A G 4 1_555 B DC 5 1_555 A G 5 1_555 B DC 4 1_555 0.660  -0.646 3.374 0.405  7.388  29.353 -2.747 -1.183 3.130 14.296 -0.784 
30.251 3 AA_G5G6:DC4DC5_BB A 5 ? B 5 ? A 6 ? B 4 ? 
1 A G 5 1_555 B DC 4 1_555 A A 6 1_555 B DU 3 1_555 -0.026 -0.750 3.467 -0.123 -5.743 43.801 -0.420 0.022  3.533 -7.659 0.163  
44.158 4 AA_G6A7:DU3DC4_BB A 6 ? B 4 ? A 7 ? B 3 ? 
1 A A 6 1_555 B DU 3 1_555 A G 7 1_555 B DC 2 1_555 0.349  -1.230 3.277 0.254  8.367  24.345 -4.977 -0.717 2.714 19.130 -0.581 
25.723 5 AA_A7G8:DC2DU3_BB A 7 ? B 3 ? A 8 ? B 2 ? 
1 A G 7 1_555 B DC 2 1_555 A G 8 1_555 B DC 1 1_555 -0.294 -0.850 3.856 0.470  11.927 37.003 -2.941 0.508  3.426 18.221 -0.717 
38.816 6 AA_G8G9:DC1DC2_BB A 8 ? B 2 ? A 9 ? B 1 ? 
# 
_pdbx_nmr_spectrometer.spectrometer_id   1 
_pdbx_nmr_spectrometer.type              ? 
_pdbx_nmr_spectrometer.manufacturer      Varian 
_pdbx_nmr_spectrometer.model             INOVA 
_pdbx_nmr_spectrometer.field_strength    500 
# 
_atom_sites.entry_id                    1NTQ 
_atom_sites.fract_transf_matrix[1][1]   1.000000 
_atom_sites.fract_transf_matrix[1][2]   0.000000 
_atom_sites.fract_transf_matrix[1][3]   0.000000 
_atom_sites.fract_transf_matrix[2][1]   0.000000 
_atom_sites.fract_transf_matrix[2][2]   1.000000 
_atom_sites.fract_transf_matrix[2][3]   0.000000 
_atom_sites.fract_transf_matrix[3][1]   0.000000 
_atom_sites.fract_transf_matrix[3][2]   0.000000 
_atom_sites.fract_transf_matrix[3][3]   1.000000 
_atom_sites.fract_transf_vector[1]      0.00000 
_atom_sites.fract_transf_vector[2]      0.00000 
_atom_sites.fract_transf_vector[3]      0.00000 
# 
loop_
_atom_type.symbol 
C 
H 
N 
O 
P 
# 
loop_
_atom_site.group_PDB 
_atom_site.id 
_atom_site.type_symbol 
_atom_site.label_atom_id 
_atom_site.label_alt_id 
_atom_site.label_comp_id 
_atom_site.label_asym_id 
_atom_site.label_entity_id 
_atom_site.label_seq_id 
_atom_site.pdbx_PDB_ins_code 
_atom_site.Cartn_x 
_atom_site.Cartn_y 
_atom_site.Cartn_z 
_atom_site.occupancy 
_atom_site.B_iso_or_equiv 
_atom_site.pdbx_formal_charge 
_atom_site.auth_seq_id 
_atom_site.auth_comp_id 
_atom_site.auth_asym_id 
_atom_site.auth_atom_id 
_atom_site.pdbx_PDB_model_num 
ATOM 1   O "O5'"  . A  A 1 1 ? 1.326   -13.943 -4.472  1.00 0.00 ? 2  A  A "O5'"  1 
ATOM 2   C "C5'"  . A  A 1 1 ? 1.859   -15.162 -4.990  1.00 0.00 ? 2  A  A "C5'"  1 
ATOM 3   C "C4'"  . A  A 1 1 ? 3.315   -15.425 -4.543  1.00 0.00 ? 2  A  A "C4'"  1 
ATOM 4   O "O4'"  . A  A 1 1 ? 4.269   -14.765 -5.387  1.00 0.00 ? 2  A  A "O4'"  1 
ATOM 5   C "C3'"  . A  A 1 1 ? 3.680   -14.951 -3.133  1.00 0.00 ? 2  A  A "C3'"  1 
ATOM 6   O "O3'"  . A  A 1 1 ? 3.136   -15.824 -2.125  1.00 0.00 ? 2  A  A "O3'"  1 
ATOM 7   C "C2'"  . A  A 1 1 ? 5.203   -14.922 -3.169  1.00 0.00 ? 2  A  A "C2'"  1 
ATOM 8   O "O2'"  . A  A 1 1 ? 5.719   -16.217 -2.870  1.00 0.00 ? 2  A  A "O2'"  1 
ATOM 9   C "C1'"  . A  A 1 1 ? 5.495   -14.540 -4.642  1.00 0.00 ? 2  A  A "C1'"  1 
ATOM 10  N N9     . A  A 1 1 ? 5.952   -13.118 -4.805  1.00 0.00 ? 2  A  A N9     1 
ATOM 11  C C8     . A  A 1 1 ? 5.493   -12.130 -5.673  1.00 0.00 ? 2  A  A C8     1 
ATOM 12  N N7     . A  A 1 1 ? 6.193   -10.965 -5.902  1.00 0.00 ? 2  A  A N7     1 
ATOM 13  C C5     . A  A 1 1 ? 7.252   -11.218 -5.044  1.00 0.00 ? 2  A  A C5     1 
ATOM 14  C C6     . A  A 1 1 ? 8.431   -10.424 -4.758  1.00 0.00 ? 2  A  A C6     1 
ATOM 15  N N6     . A  A 1 1 ? 8.652   -9.259  -5.356  1.00 0.00 ? 2  A  A N6     1 
ATOM 16  N N1     . A  A 1 1 ? 9.325   -10.850 -3.887  1.00 0.00 ? 2  A  A N1     1 
ATOM 17  C C2     . A  A 1 1 ? 9.153   -12.005 -3.281  1.00 0.00 ? 2  A  A C2     1 
ATOM 18  N N3     . A  A 1 1 ? 8.181   -12.870 -3.413  1.00 0.00 ? 2  A  A N3     1 
ATOM 19  C C4     . A  A 1 1 ? 7.121   -12.500 -4.356  1.00 0.00 ? 2  A  A C4     1 
ATOM 20  H "H5'"  . A  A 1 1 ? 1.791   -15.165 -6.092  1.00 0.00 ? 2  A  A "H5'"  1 
ATOM 21  H "H5''" . A  A 1 1 ? 1.216   -15.994 -4.645  1.00 0.00 ? 2  A  A "H5''" 1 
ATOM 22  H "H4'"  . A  A 1 1 ? 3.498   -16.516 -4.618  1.00 0.00 ? 2  A  A "H4'"  1 
ATOM 23  H "H3'"  . A  A 1 1 ? 3.332   -13.908 -2.993  1.00 0.00 ? 2  A  A "H3'"  1 
ATOM 24  H "H2'"  . A  A 1 1 ? 5.600   -14.195 -2.433  1.00 0.00 ? 2  A  A "H2'"  1 
ATOM 25  H "HO2'" . A  A 1 1 ? 5.088   -16.586 -2.242  1.00 0.00 ? 2  A  A "HO2'" 1 
ATOM 26  H "H1'"  . A  A 1 1 ? 6.279   -15.207 -5.049  1.00 0.00 ? 2  A  A "H1'"  1 
ATOM 27  H H8     . A  A 1 1 ? 4.570   -12.290 -6.215  1.00 0.00 ? 2  A  A H8     1 
ATOM 28  H H61    . A  A 1 1 ? 9.508   -8.765  -5.082  1.00 0.00 ? 2  A  A H61    1 
ATOM 29  H H62    . A  A 1 1 ? 7.934   -8.938  -6.014  1.00 0.00 ? 2  A  A H62    1 
ATOM 30  H H2     . A  A 1 1 ? 9.923   -12.277 -2.573  1.00 0.00 ? 2  A  A H2     1 
ATOM 31  H "HO5'" . A  A 1 1 ? 1.154   -14.101 -3.521  1.00 0.00 ? 2  A  A "HO5'" 1 
ATOM 32  P P      . A  A 1 2 ? 1.952   -15.310 -1.149  1.00 0.00 ? 3  A  A P      1 
ATOM 33  O OP1    . A  A 1 2 ? 1.245   -16.514 -0.524  1.00 0.00 ? 3  A  A OP1    1 
ATOM 34  O OP2    . A  A 1 2 ? 0.954   -14.487 -1.974  1.00 0.00 ? 3  A  A OP2    1 
ATOM 35  O "O5'"  . A  A 1 2 ? 2.613   -14.387 -0.002  1.00 0.00 ? 3  A  A "O5'"  1 
ATOM 36  C "C5'"  . A  A 1 2 ? 3.439   -14.940 1.041   1.00 0.00 ? 3  A  A "C5'"  1 
ATOM 37  C "C4'"  . A  A 1 2 ? 4.539   -13.952 1.462   1.00 0.00 ? 3  A  A "C4'"  1 
ATOM 38  O "O4'"  . A  A 1 2 ? 5.344   -13.620 0.311   1.00 0.00 ? 3  A  A "O4'"  1 
ATOM 39  C "C3'"  . A  A 1 2 ? 4.060   -12.614 2.046   1.00 0.00 ? 3  A  A "C3'"  1 
ATOM 40  O "O3'"  . A  A 1 2 ? 3.763   -12.713 3.454   1.00 0.00 ? 3  A  A "O3'"  1 
ATOM 41  C "C2'"  . A  A 1 2 ? 5.251   -11.699 1.734   1.00 0.00 ? 3  A  A "C2'"  1 
ATOM 42  O "O2'"  . A  A 1 2 ? 6.263   -11.793 2.735   1.00 0.00 ? 3  A  A "O2'"  1 
ATOM 43  C "C1'"  . A  A 1 2 ? 5.791   -12.253 0.404   1.00 0.00 ? 3  A  A "C1'"  1 
ATOM 44  N N9     . A  A 1 2 ? 5.309   -11.451 -0.766  1.00 0.00 ? 3  A  A N9     1 
ATOM 45  C C8     . A  A 1 2 ? 4.132   -11.532 -1.504  1.00 0.00 ? 3  A  A C8     1 
ATOM 46  N N7     . A  A 1 2 ? 3.834   -10.637 -2.510  1.00 0.00 ? 3  A  A N7     1 
ATOM 47  C C5     . A  A 1 2 ? 4.971   -9.850  -2.390  1.00 0.00 ? 3  A  A C5     1 
ATOM 48  C C6     . A  A 1 2 ? 5.369   -8.667  -3.126  1.00 0.00 ? 3  A  A C6     1 
ATOM 49  N N6     . A  A 1 2 ? 4.637   -8.174  -4.118  1.00 0.00 ? 3  A  A N6     1 
ATOM 50  N N1     . A  A 1 2 ? 6.496   -8.052  -2.828  1.00 0.00 ? 3  A  A N1     1 
ATOM 51  C C2     . A  A 1 2 ? 7.271   -8.512  -1.872  1.00 0.00 ? 3  A  A C2     1 
ATOM 52  N N3     . A  A 1 2 ? 7.098   -9.557  -1.106  1.00 0.00 ? 3  A  A N3     1 
ATOM 53  C C4     . A  A 1 2 ? 5.872   -10.321 -1.342  1.00 0.00 ? 3  A  A C4     1 
ATOM 54  H "H5'"  . A  A 1 2 ? 3.912   -15.883 0.704   1.00 0.00 ? 3  A  A "H5'"  1 
ATOM 55  H "H5''" . A  A 1 2 ? 2.809   -15.207 1.909   1.00 0.00 ? 3  A  A "H5''" 1 
ATOM 56  H "H4'"  . A  A 1 2 ? 5.191   -14.449 2.206   1.00 0.00 ? 3  A  A "H4'"  1 
ATOM 57  H "H3'"  . A  A 1 2 ? 3.168   -12.262 1.489   1.00 0.00 ? 3  A  A "H3'"  1 
ATOM 58  H "H2'"  . A  A 1 2 ? 4.926   -10.646 1.659   1.00 0.00 ? 3  A  A "H2'"  1 
ATOM 59  H "HO2'" . A  A 1 2 ? 6.074   -11.078 3.355   1.00 0.00 ? 3  A  A "HO2'" 1 
ATOM 60  H "H1'"  . A  A 1 2 ? 6.898   -12.243 0.409   1.00 0.00 ? 3  A  A "H1'"  1 
ATOM 61  H H8     . A  A 1 2 ? 3.406   -12.295 -1.262  1.00 0.00 ? 3  A  A H8     1 
ATOM 62  H H61    . A  A 1 2 ? 5.010   -7.347  -4.599  1.00 0.00 ? 3  A  A H61    1 
ATOM 63  H H62    . A  A 1 2 ? 3.765   -8.671  -4.332  1.00 0.00 ? 3  A  A H62    1 
ATOM 64  H H2     . A  A 1 2 ? 8.171   -7.944  -1.689  1.00 0.00 ? 3  A  A H2     1 
ATOM 65  P P      . A  A 1 3 ? 2.953   -11.563 4.261   1.00 0.00 ? 4  A  A P      1 
ATOM 66  O OP1    . A  A 1 3 ? 2.590   -12.087 5.652   1.00 0.00 ? 4  A  A OP1    1 
ATOM 67  O OP2    . A  A 1 3 ? 1.675   -11.208 3.500   1.00 0.00 ? 4  A  A OP2    1 
ATOM 68  O "O5'"  . A  A 1 3 ? 3.877   -10.237 4.403   1.00 0.00 ? 4  A  A "O5'"  1 
ATOM 69  C "C5'"  . A  A 1 3 ? 4.999   -10.166 5.302   1.00 0.00 ? 4  A  A "C5'"  1 
ATOM 70  C "C4'"  . A  A 1 3 ? 5.961   -9.029  4.908   1.00 0.00 ? 4  A  A "C4'"  1 
ATOM 71  O "O4'"  . A  A 1 3 ? 6.280   -9.105  3.502   1.00 0.00 ? 4  A  A "O4'"  1 
ATOM 72  C "C3'"  . A  A 1 3 ? 5.427   -7.609  5.135   1.00 0.00 ? 4  A  A "C3'"  1 
ATOM 73  O "O3'"  . A  A 1 3 ? 5.586   -7.187  6.506   1.00 0.00 ? 4  A  A "O3'"  1 
ATOM 74  C "C2'"  . A  A 1 3 ? 6.273   -6.799  4.144   1.00 0.00 ? 4  A  A "C2'"  1 
ATOM 75  O "O2'"  . A  A 1 3 ? 7.535   -6.435  4.702   1.00 0.00 ? 4  A  A "O2'"  1 
ATOM 76  C "C1'"  . A  A 1 3 ? 6.483   -7.777  2.974   1.00 0.00 ? 4  A  A "C1'"  1 
ATOM 77  N N9     . A  A 1 3 ? 5.546   -7.487  1.841   1.00 0.00 ? 4  A  A N9     1 
ATOM 78  C C8     . A  A 1 3 ? 4.248   -7.926  1.592   1.00 0.00 ? 4  A  A C8     1 
ATOM 79  N N7     . A  A 1 3 ? 3.511   -7.466  0.520   1.00 0.00 ? 4  A  A N7     1 
ATOM 80  C C5     . A  A 1 3 ? 4.457   -6.583  0.016   1.00 0.00 ? 4  A  A C5     1 
ATOM 81  C C6     . A  A 1 3 ? 4.393   -5.702  -1.133  1.00 0.00 ? 4  A  A C6     1 
ATOM 82  N N6     . A  A 1 3 ? 3.321   -5.645  -1.917  1.00 0.00 ? 4  A  A N6     1 
ATOM 83  N N1     . A  A 1 3 ? 5.422   -4.937  -1.438  1.00 0.00 ? 4  A  A N1     1 
ATOM 84  C C2     . A  A 1 3 ? 6.508   -4.960  -0.697  1.00 0.00 ? 4  A  A C2     1 
ATOM 85  N N3     . A  A 1 3 ? 6.762   -5.675  0.369   1.00 0.00 ? 4  A  A N3     1 
ATOM 86  C C4     . A  A 1 3 ? 5.690   -6.578  0.799   1.00 0.00 ? 4  A  A C4     1 
ATOM 87  H "H5'"  . A  A 1 3 ? 5.547   -11.128 5.301   1.00 0.00 ? 4  A  A "H5'"  1 
ATOM 88  H "H5''" . A  A 1 3 ? 4.640   -10.027 6.341   1.00 0.00 ? 4  A  A "H5''" 1 
ATOM 89  H "H4'"  . A  A 1 3 ? 6.898   -9.148  5.485   1.00 0.00 ? 4  A  A "H4'"  1 
ATOM 90  H "H3'"  . A  A 1 3 ? 4.360   -7.560  4.838   1.00 0.00 ? 4  A  A "H3'"  1 
ATOM 91  H "H2'"  . A  A 1 3 ? 5.745   -5.878  3.843   1.00 0.00 ? 4  A  A "H2'"  1 
ATOM 92  H "HO2'" . A  A 1 3 ? 7.383   -5.597  5.151   1.00 0.00 ? 4  A  A "HO2'" 1 
ATOM 93  H "H1'"  . A  A 1 3 ? 7.523   -7.703  2.601   1.00 0.00 ? 4  A  A "H1'"  1 
ATOM 94  H H8     . A  A 1 3 ? 3.786   -8.629  2.274   1.00 0.00 ? 4  A  A H8     1 
ATOM 95  H H61    . A  A 1 3 ? 3.367   -5.020  -2.731  1.00 0.00 ? 4  A  A H61    1 
ATOM 96  H H62    . A  A 1 3 ? 2.538   -6.253  -1.653  1.00 0.00 ? 4  A  A H62    1 
ATOM 97  H H2     . A  A 1 3 ? 7.299   -4.295  -1.011  1.00 0.00 ? 4  A  A H2     1 
ATOM 98  P P      . G  A 1 4 ? 4.868   -5.858  7.101   1.00 0.00 ? 5  G  A P      1 
ATOM 99  O OP1    . G  A 1 4 ? 5.018   -5.847  8.624   1.00 0.00 ? 5  G  A OP1    1 
ATOM 100 O OP2    . G  A 1 4 ? 3.384   -5.869  6.733   1.00 0.00 ? 5  G  A OP2    1 
ATOM 101 O "O5'"  . G  A 1 4 ? 5.566   -4.535  6.474   1.00 0.00 ? 5  G  A "O5'"  1 
ATOM 102 C "C5'"  . G  A 1 4 ? 6.866   -4.078  6.886   1.00 0.00 ? 5  G  A "C5'"  1 
ATOM 103 C "C4'"  . G  A 1 4 ? 7.452   -3.071  5.880   1.00 0.00 ? 5  G  A "C4'"  1 
ATOM 104 O "O4'"  . G  A 1 4 ? 7.385   -3.587  4.533   1.00 0.00 ? 5  G  A "O4'"  1 
ATOM 105 C "C3'"  . G  A 1 4 ? 6.753   -1.705  5.836   1.00 0.00 ? 5  G  A "C3'"  1 
ATOM 106 O "O3'"  . G  A 1 4 ? 7.214   -0.828  6.883   1.00 0.00 ? 5  G  A "O3'"  1 
ATOM 107 C "C2'"  . G  A 1 4 ? 7.148   -1.209  4.441   1.00 0.00 ? 5  G  A "C2'"  1 
ATOM 108 O "O2'"  . G  A 1 4 ? 8.452   -0.630  4.478   1.00 0.00 ? 5  G  A "O2'"  1 
ATOM 109 C "C1'"  . G  A 1 4 ? 7.170   -2.500  3.602   1.00 0.00 ? 5  G  A "C1'"  1 
ATOM 110 N N9     . G  A 1 4 ? 5.894   -2.688  2.835   1.00 0.00 ? 5  G  A N9     1 
ATOM 111 C C8     . G  A 1 4 ? 4.735   -3.386  3.155   1.00 0.00 ? 5  G  A C8     1 
ATOM 112 N N7     . G  A 1 4 ? 3.671   -3.464  2.288   1.00 0.00 ? 5  G  A N7     1 
ATOM 113 C C5     . G  A 1 4 ? 4.206   -2.676  1.289   1.00 0.00 ? 5  G  A C5     1 
ATOM 114 C C6     . G  A 1 4 ? 3.524   -2.277  -0.043  1.00 0.00 ? 5  G  A C6     1 
ATOM 115 O O6     . G  A 1 4 ? 2.407   -2.665  -0.378  1.00 0.00 ? 5  G  A O6     1 
ATOM 116 N N1     . G  A 1 4 ? 4.247   -1.443  -0.839  1.00 0.00 ? 5  G  A N1     1 
ATOM 117 C C2     . G  A 1 4 ? 5.567   -0.926  -0.464  1.00 0.00 ? 5  G  A C2     1 
ATOM 118 N N2     . G  A 1 4 ? 6.191   0.006   -1.294  1.00 0.00 ? 5  G  A N2     1 
ATOM 119 N N3     . G  A 1 4 ? 6.143   -1.295  0.633   1.00 0.00 ? 5  G  A N3     1 
ATOM 120 C C4     . G  A 1 4 ? 5.521   -2.182  1.592   1.00 0.00 ? 5  G  A C4     1 
ATOM 121 H "H5'"  . G  A 1 4 ? 7.553   -4.938  6.990   1.00 0.00 ? 5  G  A "H5'"  1 
ATOM 122 H "H5''" . G  A 1 4 ? 6.800   -3.623  7.894   1.00 0.00 ? 5  G  A "H5''" 1 
ATOM 123 H "H4'"  . G  A 1 4 ? 8.518   -2.911  6.137   1.00 0.00 ? 5  G  A "H4'"  1 
ATOM 124 H "H3'"  . G  A 1 4 ? 5.653   -1.842  5.889   1.00 0.00 ? 5  G  A "H3'"  1 
ATOM 125 H "H2'"  . G  A 1 4 ? 6.435   -0.456  4.065   1.00 0.00 ? 5  G  A "H2'"  1 
ATOM 126 H "HO2'" . G  A 1 4 ? 8.496   -0.190  5.332   1.00 0.00 ? 5  G  A "HO2'" 1 
ATOM 127 H "H1'"  . G  A 1 4 ? 8.014   -2.470  2.885   1.00 0.00 ? 5  G  A "H1'"  1 
ATOM 128 H H8     . G  A 1 4 ? 4.648   -3.861  4.123   1.00 0.00 ? 5  G  A H8     1 
ATOM 129 H H1     . G  A 1 4 ? 3.781   -1.166  -1.710  1.00 0.00 ? 5  G  A H1     1 
ATOM 130 H H21    . G  A 1 4 ? 5.717   0.294   -2.159  1.00 0.00 ? 5  G  A H21    1 
ATOM 131 H H22    . G  A 1 4 ? 7.106   0.366   -1.012  1.00 0.00 ? 5  G  A H22    1 
ATOM 132 P P      . G  A 1 5 ? 6.354   0.451   7.396   1.00 0.00 ? 6  G  A P      1 
ATOM 133 O OP1    . G  A 1 5 ? 7.030   1.037   8.638   1.00 0.00 ? 6  G  A OP1    1 
ATOM 134 O OP2    . G  A 1 5 ? 4.935   0.004   7.749   1.00 0.00 ? 6  G  A OP2    1 
ATOM 135 O "O5'"  . G  A 1 5 ? 6.292   1.571   6.228   1.00 0.00 ? 6  G  A "O5'"  1 
ATOM 136 C "C5'"  . G  A 1 5 ? 7.430   2.379   5.874   1.00 0.00 ? 6  G  A "C5'"  1 
ATOM 137 C "C4'"  . G  A 1 5 ? 7.261   3.020   4.485   1.00 0.00 ? 6  G  A "C4'"  1 
ATOM 138 O "O4'"  . G  A 1 5 ? 6.945   2.020   3.494   1.00 0.00 ? 6  G  A "O4'"  1 
ATOM 139 C "C3'"  . G  A 1 5 ? 6.157   4.081   4.376   1.00 0.00 ? 6  G  A "C3'"  1 
ATOM 140 O "O3'"  . G  A 1 5 ? 6.607   5.375   4.830   1.00 0.00 ? 6  G  A "O3'"  1 
ATOM 141 C "C2'"  . G  A 1 5 ? 5.867   4.061   2.873   1.00 0.00 ? 6  G  A "C2'"  1 
ATOM 142 O "O2'"  . G  A 1 5 ? 6.816   4.869   2.180   1.00 0.00 ? 6  G  A "O2'"  1 
ATOM 143 C "C1'"  . G  A 1 5 ? 6.059   2.580   2.499   1.00 0.00 ? 6  G  A "C1'"  1 
ATOM 144 N N9     . G  A 1 5 ? 4.756   1.839   2.452   1.00 0.00 ? 6  G  A N9     1 
ATOM 145 C C8     . G  A 1 5 ? 4.118   1.045   3.400   1.00 0.00 ? 6  G  A C8     1 
ATOM 146 N N7     . G  A 1 5 ? 2.934   0.399   3.126   1.00 0.00 ? 6  G  A N7     1 
ATOM 147 C C5     . G  A 1 5 ? 2.778   0.865   1.836   1.00 0.00 ? 6  G  A C5     1 
ATOM 148 C C6     . G  A 1 5 ? 1.619   0.536   0.858   1.00 0.00 ? 6  G  A C6     1 
ATOM 149 O O6     . G  A 1 5 ? 0.687   -0.218  1.130   1.00 0.00 ? 6  G  A O6     1 
ATOM 150 N N1     . G  A 1 5 ? 1.699   1.147   -0.355  1.00 0.00 ? 6  G  A N1     1 
ATOM 151 C C2     . G  A 1 5 ? 2.783   2.061   -0.725  1.00 0.00 ? 6  G  A C2     1 
ATOM 152 N N2     . G  A 1 5 ? 2.753   2.686   -1.969  1.00 0.00 ? 6  G  A N2     1 
ATOM 153 N N3     . G  A 1 5 ? 3.756   2.307   0.088   1.00 0.00 ? 6  G  A N3     1 
ATOM 154 C C4     . G  A 1 5 ? 3.838   1.739   1.414   1.00 0.00 ? 6  G  A C4     1 
ATOM 155 H "H5'"  . G  A 1 5 ? 8.348   1.763   5.879   1.00 0.00 ? 6  G  A "H5'"  1 
ATOM 156 H "H5''" . G  A 1 5 ? 7.586   3.160   6.643   1.00 0.00 ? 6  G  A "H5''" 1 
ATOM 157 H "H4'"  . G  A 1 5 ? 8.226   3.486   4.205   1.00 0.00 ? 6  G  A "H4'"  1 
ATOM 158 H "H3'"  . G  A 1 5 ? 5.260   3.752   4.939   1.00 0.00 ? 6  G  A "H3'"  1 
ATOM 159 H "H2'"  . G  A 1 5 ? 4.852   4.437   2.654   1.00 0.00 ? 6  G  A "H2'"  1 
ATOM 160 H "HO2'" . G  A 1 5 ? 7.019   5.580   2.795   1.00 0.00 ? 6  G  A "HO2'" 1 
ATOM 161 H "H1'"  . G  A 1 5 ? 6.546   2.502   1.506   1.00 0.00 ? 6  G  A "H1'"  1 
ATOM 162 H H8     . G  A 1 5 ? 4.554   0.934   4.384   1.00 0.00 ? 6  G  A H8     1 
ATOM 163 H H1     . G  A 1 5 ? 0.918   0.945   -0.989  1.00 0.00 ? 6  G  A H1     1 
ATOM 164 H H21    . G  A 1 5 ? 1.959   2.506   -2.593  1.00 0.00 ? 6  G  A H21    1 
ATOM 165 H H22    . G  A 1 5 ? 3.527   3.309   -2.217  1.00 0.00 ? 6  G  A H22    1 
ATOM 166 P P      . A  A 1 6 ? 5.579   6.536   5.308   1.00 0.00 ? 7  A  A P      1 
ATOM 167 O OP1    . A  A 1 6 ? 6.383   7.710   5.873   1.00 0.00 ? 7  A  A OP1    1 
ATOM 168 O OP2    . A  A 1 6 ? 4.652   5.985   6.391   1.00 0.00 ? 7  A  A OP2    1 
ATOM 169 O "O5'"  . A  A 1 6 ? 4.695   7.038   4.046   1.00 0.00 ? 7  A  A "O5'"  1 
ATOM 170 C "C5'"  . A  A 1 6 ? 5.238   7.871   3.004   1.00 0.00 ? 7  A  A "C5'"  1 
ATOM 171 C "C4'"  . A  A 1 6 ? 4.347   7.868   1.750   1.00 0.00 ? 7  A  A "C4'"  1 
ATOM 172 O "O4'"  . A  A 1 6 ? 4.123   6.520   1.280   1.00 0.00 ? 7  A  A "O4'"  1 
ATOM 173 C "C3'"  . A  A 1 6 ? 2.951   8.483   1.927   1.00 0.00 ? 7  A  A "C3'"  1 
ATOM 174 O "O3'"  . A  A 1 6 ? 2.971   9.921   1.832   1.00 0.00 ? 7  A  A "O3'"  1 
ATOM 175 C "C2'"  . A  A 1 6 ? 2.186   7.825   0.774   1.00 0.00 ? 7  A  A "C2'"  1 
ATOM 176 O "O2'"  . A  A 1 6 ? 2.442   8.516   -0.446  1.00 0.00 ? 7  A  A "O2'"  1 
ATOM 177 C "C1'"  . A  A 1 6 ? 2.795   6.411   0.718   1.00 0.00 ? 7  A  A "C1'"  1 
ATOM 178 N N9     . A  A 1 6 ? 1.969   5.417   1.478   1.00 0.00 ? 7  A  A N9     1 
ATOM 179 C C8     . A  A 1 6 ? 2.068   4.964   2.791   1.00 0.00 ? 7  A  A C8     1 
ATOM 180 N N7     . A  A 1 6 ? 1.210   4.020   3.310   1.00 0.00 ? 7  A  A N7     1 
ATOM 181 C C5     . A  A 1 6 ? 0.424   3.852   2.178   1.00 0.00 ? 7  A  A C5     1 
ATOM 182 C C6     . A  A 1 6 ? -0.719  2.992   1.960   1.00 0.00 ? 7  A  A C6     1 
ATOM 183 N N6     . A  A 1 6 ? -1.168  2.176   2.905   1.00 0.00 ? 7  A  A N6     1 
ATOM 184 N N1     . A  A 1 6 ? -1.340  2.992   0.796   1.00 0.00 ? 7  A  A N1     1 
ATOM 185 C C2     . A  A 1 6 ? -0.926  3.784   -0.170  1.00 0.00 ? 7  A  A C2     1 
ATOM 186 N N3     . A  A 1 6 ? 0.080   4.619   -0.177  1.00 0.00 ? 7  A  A N3     1 
ATOM 187 C C4     . A  A 1 6 ? 0.854   4.692   1.066   1.00 0.00 ? 7  A  A C4     1 
ATOM 188 H "H5'"  . A  A 1 6 ? 6.251   7.522   2.730   1.00 0.00 ? 7  A  A "H5'"  1 
ATOM 189 H "H5''" . A  A 1 6 ? 5.364   8.904   3.382   1.00 0.00 ? 7  A  A "H5''" 1 
ATOM 190 H "H4'"  . A  A 1 6 ? 4.878   8.425   0.953   1.00 0.00 ? 7  A  A "H4'"  1 
ATOM 191 H "H3'"  . A  A 1 6 ? 2.519   8.159   2.897   1.00 0.00 ? 7  A  A "H3'"  1 
ATOM 192 H "H2'"  . A  A 1 6 ? 1.098   7.823   0.960   1.00 0.00 ? 7  A  A "H2'"  1 
ATOM 193 H "HO2'" . A  A 1 6 ? 2.467   9.446   -0.198  1.00 0.00 ? 7  A  A "HO2'" 1 
ATOM 194 H "H1'"  . A  A 1 6 ? 2.878   6.074   -0.334  1.00 0.00 ? 7  A  A "H1'"  1 
ATOM 195 H H8     . A  A 1 6 ? 2.833   5.371   3.438   1.00 0.00 ? 7  A  A H8     1 
ATOM 196 H H61    . A  A 1 6 ? -1.957  1.567   2.651   1.00 0.00 ? 7  A  A H61    1 
ATOM 197 H H62    . A  A 1 6 ? -0.655  2.182   3.794   1.00 0.00 ? 7  A  A H62    1 
ATOM 198 H H2     . A  A 1 6 ? -1.504  3.743   -1.082  1.00 0.00 ? 7  A  A H2     1 
ATOM 199 P P      . G  A 1 7 ? 1.773   10.850  2.414   1.00 0.00 ? 8  G  A P      1 
ATOM 200 O OP1    . G  A 1 7 ? 2.211   12.314  2.371   1.00 0.00 ? 8  G  A OP1    1 
ATOM 201 O OP2    . G  A 1 7 ? 1.467   10.451  3.857   1.00 0.00 ? 8  G  A OP2    1 
ATOM 202 O "O5'"  . G  A 1 7 ? 0.444   10.651  1.508   1.00 0.00 ? 8  G  A "O5'"  1 
ATOM 203 C "C5'"  . G  A 1 7 ? 0.333   11.205  0.184   1.00 0.00 ? 8  G  A "C5'"  1 
ATOM 204 C "C4'"  . G  A 1 7 ? -0.811  10.554  -0.614  1.00 0.00 ? 8  G  A "C4'"  1 
ATOM 205 O "O4'"  . G  A 1 7 ? -0.684  9.117   -0.624  1.00 0.00 ? 8  G  A "O4'"  1 
ATOM 206 C "C3'"  . G  A 1 7 ? -2.228  10.842  -0.096  1.00 0.00 ? 8  G  A "C3'"  1 
ATOM 207 O "O3'"  . G  A 1 7 ? -2.716  12.127  -0.535  1.00 0.00 ? 8  G  A "O3'"  1 
ATOM 208 C "C2'"  . G  A 1 7 ? -3.007  9.676   -0.713  1.00 0.00 ? 8  G  A "C2'"  1 
ATOM 209 O "O2'"  . G  A 1 7 ? -3.338  9.973   -2.068  1.00 0.00 ? 8  G  A "O2'"  1 
ATOM 210 C "C1'"  . G  A 1 7 ? -1.997  8.514   -0.651  1.00 0.00 ? 8  G  A "C1'"  1 
ATOM 211 N N9     . G  A 1 7 ? -2.218  7.642   0.550   1.00 0.00 ? 8  G  A N9     1 
ATOM 212 C C8     . G  A 1 7 ? -1.601  7.630   1.797   1.00 0.00 ? 8  G  A C8     1 
ATOM 213 N N7     . G  A 1 7 ? -1.939  6.713   2.766   1.00 0.00 ? 8  G  A N7     1 
ATOM 214 C C5     . G  A 1 7 ? -2.928  6.065   2.052   1.00 0.00 ? 8  G  A C5     1 
ATOM 215 C C6     . G  A 1 7 ? -3.822  4.897   2.546   1.00 0.00 ? 8  G  A C6     1 
ATOM 216 O O6     . G  A 1 7 ? -3.710  4.367   3.650   1.00 0.00 ? 8  G  A O6     1 
ATOM 217 N N1     . G  A 1 7 ? -4.775  4.487   1.665   1.00 0.00 ? 8  G  A N1     1 
ATOM 218 C C2     . G  A 1 7 ? -4.969  5.104   0.350   1.00 0.00 ? 8  G  A C2     1 
ATOM 219 N N2     . G  A 1 7 ? -6.032  4.685   -0.447  1.00 0.00 ? 8  G  A N2     1 
ATOM 220 N N3     . G  A 1 7 ? -4.191  6.046   -0.067  1.00 0.00 ? 8  G  A N3     1 
ATOM 221 C C4     . G  A 1 7 ? -3.129  6.608   0.737   1.00 0.00 ? 8  G  A C4     1 
ATOM 222 H "H5'"  . G  A 1 7 ? 1.282   11.066  -0.365  1.00 0.00 ? 8  G  A "H5'"  1 
ATOM 223 H "H5''" . G  A 1 7 ? 0.180   12.299  0.250   1.00 0.00 ? 8  G  A "H5''" 1 
ATOM 224 H "H4'"  . G  A 1 7 ? -0.739  10.913  -1.659  1.00 0.00 ? 8  G  A "H4'"  1 
ATOM 225 H "H3'"  . G  A 1 7 ? -2.246  10.766  1.011   1.00 0.00 ? 8  G  A "H3'"  1 
ATOM 226 H "H2'"  . G  A 1 7 ? -3.940  9.472   -0.160  1.00 0.00 ? 8  G  A "H2'"  1 
ATOM 227 H "HO2'" . G  A 1 7 ? -3.466  10.926  -2.082  1.00 0.00 ? 8  G  A "HO2'" 1 
ATOM 228 H "H1'"  . G  A 1 7 ? -2.084  7.890   -1.563  1.00 0.00 ? 8  G  A "H1'"  1 
ATOM 229 H H8     . G  A 1 7 ? -0.857  8.379   2.032   1.00 0.00 ? 8  G  A H8     1 
ATOM 230 H H1     . G  A 1 7 ? -5.387  3.740   2.010   1.00 0.00 ? 8  G  A H1     1 
ATOM 231 H H21    . G  A 1 7 ? -6.657  3.953   -0.093  1.00 0.00 ? 8  G  A H21    1 
ATOM 232 H H22    . G  A 1 7 ? -6.141  5.114   -1.371  1.00 0.00 ? 8  G  A H22    1 
ATOM 233 P P      . G  A 1 8 ? -3.886  12.932  0.251   1.00 0.00 ? 9  G  A P      1 
ATOM 234 O OP1    . G  A 1 8 ? -4.005  14.338  -0.338  1.00 0.00 ? 9  G  A OP1    1 
ATOM 235 O OP2    . G  A 1 8 ? -3.539  13.028  1.736   1.00 0.00 ? 9  G  A OP2    1 
ATOM 236 O "O5'"  . G  A 1 8 ? -5.296  12.152  0.080   1.00 0.00 ? 9  G  A "O5'"  1 
ATOM 237 C "C5'"  . G  A 1 8 ? -6.025  12.141  -1.162  1.00 0.00 ? 9  G  A "C5'"  1 
ATOM 238 C "C4'"  . G  A 1 8 ? -7.082  11.024  -1.186  1.00 0.00 ? 9  G  A "C4'"  1 
ATOM 239 O "O4'"  . G  A 1 8 ? -6.474  9.749   -0.890  1.00 0.00 ? 9  G  A "O4'"  1 
ATOM 240 C "C3'"  . G  A 1 8 ? -8.237  11.184  -0.184  1.00 0.00 ? 9  G  A "C3'"  1 
ATOM 241 O "O3'"  . G  A 1 8 ? -9.290  12.028  -0.697  1.00 0.00 ? 9  G  A "O3'"  1 
ATOM 242 C "C2'"  . G  A 1 8 ? -8.702  9.734   -0.022  1.00 0.00 ? 9  G  A "C2'"  1 
ATOM 243 O "O2'"  . G  A 1 8 ? -9.586  9.387   -1.087  1.00 0.00 ? 9  G  A "O2'"  1 
ATOM 244 C "C1'"  . G  A 1 8 ? -7.396  8.928   -0.141  1.00 0.00 ? 9  G  A "C1'"  1 
ATOM 245 N N9     . G  A 1 8 ? -6.838  8.569   1.203   1.00 0.00 ? 9  G  A N9     1 
ATOM 246 C C8     . G  A 1 8 ? -5.777  9.100   1.928   1.00 0.00 ? 9  G  A C8     1 
ATOM 247 N N7     . G  A 1 8 ? -5.356  8.539   3.113   1.00 0.00 ? 9  G  A N7     1 
ATOM 248 C C5     . G  A 1 8 ? -6.300  7.534   3.170   1.00 0.00 ? 9  G  A C5     1 
ATOM 249 C C6     . G  A 1 8 ? -6.475  6.486   4.297   1.00 0.00 ? 9  G  A C6     1 
ATOM 250 O O6     . G  A 1 8 ? -5.726  6.395   5.267   1.00 0.00 ? 9  G  A O6     1 
ATOM 251 N N1     . G  A 1 8 ? -7.546  5.659   4.158   1.00 0.00 ? 9  G  A N1     1 
ATOM 252 C C2     . G  A 1 8 ? -8.497  5.764   3.048   1.00 0.00 ? 9  G  A C2     1 
ATOM 253 N N2     . G  A 1 8 ? -9.650  4.979   3.064   1.00 0.00 ? 9  G  A N2     1 
ATOM 254 N N3     . G  A 1 8 ? -8.307  6.599   2.082   1.00 0.00 ? 9  G  A N3     1 
ATOM 255 C C4     . G  A 1 8 ? -7.216  7.548   2.065   1.00 0.00 ? 9  G  A C4     1 
ATOM 256 H "H5'"  . G  A 1 8 ? -5.326  11.996  -2.007  1.00 0.00 ? 9  G  A "H5'"  1 
ATOM 257 H "H5''" . G  A 1 8 ? -6.501  13.127  -1.324  1.00 0.00 ? 9  G  A "H5''" 1 
ATOM 258 H "H4'"  . G  A 1 8 ? -7.504  10.972  -2.209  1.00 0.00 ? 9  G  A "H4'"  1 
ATOM 259 H "H3'"  . G  A 1 8 ? -7.850  11.567  0.782   1.00 0.00 ? 9  G  A "H3'"  1 
ATOM 260 H "H2'"  . G  A 1 8 ? -9.224  9.584   0.941   1.00 0.00 ? 9  G  A "H2'"  1 
ATOM 261 H "HO2'" . G  A 1 8 ? -9.936  10.231  -1.391  1.00 0.00 ? 9  G  A "HO2'" 1 
ATOM 262 H "H1'"  . G  A 1 8 ? -7.579  7.993   -0.706  1.00 0.00 ? 9  G  A "H1'"  1 
ATOM 263 H H8     . G  A 1 8 ? -5.282  9.994   1.576   1.00 0.00 ? 9  G  A H8     1 
ATOM 264 H H1     . G  A 1 8 ? -7.678  4.998   4.929   1.00 0.00 ? 9  G  A H1     1 
ATOM 265 H H21    . G  A 1 8 ? -9.811  4.349   3.856   1.00 0.00 ? 9  G  A H21    1 
ATOM 266 H H22    . G  A 1 8 ? -10.298 5.065   2.275   1.00 0.00 ? 9  G  A H22    1 
ATOM 267 P P      . A  A 1 9 ? -10.325 12.812  0.275   1.00 0.00 ? 10 A  A P      1 
ATOM 268 O OP1    . A  A 1 9 ? -11.345 13.570  -0.578  1.00 0.00 ? 10 A  A OP1    1 
ATOM 269 O OP2    . A  A 1 9 ? -9.557  13.803  1.150   1.00 0.00 ? 10 A  A OP2    1 
ATOM 270 O "O5'"  . A  A 1 9 ? -11.099 11.755  1.229   1.00 0.00 ? 10 A  A "O5'"  1 
ATOM 271 C "C5'"  . A  A 1 9 ? -12.157 10.901  0.755   1.00 0.00 ? 10 A  A "C5'"  1 
ATOM 272 C "C4'"  . A  A 1 9 ? -12.543 9.850   1.812   1.00 0.00 ? 10 A  A "C4'"  1 
ATOM 273 O "O4'"  . A  A 1 9 ? -11.419 9.002   2.115   1.00 0.00 ? 10 A  A "O4'"  1 
ATOM 274 C "C3'"  . A  A 1 9 ? -13.003 10.421  3.161   1.00 0.00 ? 10 A  A "C3'"  1 
ATOM 275 O "O3'"  . A  A 1 9 ? -14.375 10.807  3.148   1.00 0.00 ? 10 A  A "O3'"  1 
ATOM 276 C "C2'"  . A  A 1 9 ? -12.711 9.266   4.124   1.00 0.00 ? 10 A  A "C2'"  1 
ATOM 277 O "O2'"  . A  A 1 9 ? -13.774 8.311   4.126   1.00 0.00 ? 10 A  A "O2'"  1 
ATOM 278 C "C1'"  . A  A 1 9 ? -11.442 8.632   3.512   1.00 0.00 ? 10 A  A "C1'"  1 
ATOM 279 N N9     . A  A 1 9 ? -10.192 9.091   4.201   1.00 0.00 ? 10 A  A N9     1 
ATOM 280 C C8     . A  A 1 9 ? -9.323  10.139  3.906   1.00 0.00 ? 10 A  A C8     1 
ATOM 281 N N7     . A  A 1 9 ? -8.201  10.394  4.666   1.00 0.00 ? 10 A  A N7     1 
ATOM 282 C C5     . A  A 1 9 ? -8.367  9.367   5.586   1.00 0.00 ? 10 A  A C5     1 
ATOM 283 C C6     . A  A 1 9 ? -7.539  8.980   6.711   1.00 0.00 ? 10 A  A C6     1 
ATOM 284 N N6     . A  A 1 9 ? -6.414  9.620   7.004   1.00 0.00 ? 10 A  A N6     1 
ATOM 285 N N1     . A  A 1 9 ? -7.879  7.953   7.466   1.00 0.00 ? 10 A  A N1     1 
ATOM 286 C C2     . A  A 1 9 ? -8.973  7.272   7.195   1.00 0.00 ? 10 A  A C2     1 
ATOM 287 N N3     . A  A 1 9 ? -9.842  7.455   6.234   1.00 0.00 ? 10 A  A N3     1 
ATOM 288 C C4     . A  A 1 9 ? -9.562  8.572   5.328   1.00 0.00 ? 10 A  A C4     1 
ATOM 289 H "H5'"  . A  A 1 9 ? -11.846 10.390  -0.174  1.00 0.00 ? 10 A  A "H5'"  1 
ATOM 290 H "H5''" . A  A 1 9 ? -13.036 11.515  0.484   1.00 0.00 ? 10 A  A "H5''" 1 
ATOM 291 H "H4'"  . A  A 1 9 ? -13.348 9.213   1.395   1.00 0.00 ? 10 A  A "H4'"  1 
ATOM 292 H "H3'"  . A  A 1 9 ? -12.375 11.289  3.445   1.00 0.00 ? 10 A  A "H3'"  1 
ATOM 293 H "HO3'" . A  A 1 9 ? -14.438 11.536  2.526   1.00 0.00 ? 10 A  A "HO3'" 1 
ATOM 294 H "H2'"  . A  A 1 9 ? -12.560 9.637   5.156   1.00 0.00 ? 10 A  A "H2'"  1 
ATOM 295 H "HO2'" . A  A 1 9 ? -13.515 7.617   4.737   1.00 0.00 ? 10 A  A "HO2'" 1 
ATOM 296 H "H1'"  . A  A 1 9 ? -11.495 7.527   3.578   1.00 0.00 ? 10 A  A "H1'"  1 
ATOM 297 H H8     . A  A 1 9 ? -9.526  10.777  3.058   1.00 0.00 ? 10 A  A H8     1 
ATOM 298 H H61    . A  A 1 9 ? -5.872  9.246   7.790   1.00 0.00 ? 10 A  A H61    1 
ATOM 299 H H62    . A  A 1 9 ? -6.147  10.387  6.376   1.00 0.00 ? 10 A  A H62    1 
ATOM 300 H H2     . A  A 1 9 ? -9.175  6.436   7.850   1.00 0.00 ? 10 A  A H2     1 
ATOM 301 O "O5'"  . DC B 2 1 ? -9.275  -0.999  10.482  1.00 0.00 ? 1  DC B "O5'"  1 
ATOM 302 C "C5'"  . DC B 2 1 ? -10.677 -1.130  10.278  1.00 0.00 ? 1  DC B "C5'"  1 
ATOM 303 C "C4'"  . DC B 2 1 ? -11.147 -0.288  9.077   1.00 0.00 ? 1  DC B "C4'"  1 
ATOM 304 O "O4'"  . DC B 2 1 ? -10.673 1.069   9.191   1.00 0.00 ? 1  DC B "O4'"  1 
ATOM 305 C "C3'"  . DC B 2 1 ? -10.653 -0.775  7.710   1.00 0.00 ? 1  DC B "C3'"  1 
ATOM 306 O "O3'"  . DC B 2 1 ? -11.454 -1.857  7.202   1.00 0.00 ? 1  DC B "O3'"  1 
ATOM 307 C "C2'"  . DC B 2 1 ? -10.810 0.497   6.878   1.00 0.00 ? 1  DC B "C2'"  1 
ATOM 308 C "C1'"  . DC B 2 1 ? -10.509 1.633   7.867   1.00 0.00 ? 1  DC B "C1'"  1 
ATOM 309 N N1     . DC B 2 1 ? -9.148  2.224   7.682   1.00 0.00 ? 1  DC B N1     1 
ATOM 310 C C2     . DC B 2 1 ? -8.968  3.362   6.905   1.00 0.00 ? 1  DC B C2     1 
ATOM 311 O O2     . DC B 2 1 ? -9.910  3.892   6.313   1.00 0.00 ? 1  DC B O2     1 
ATOM 312 N N3     . DC B 2 1 ? -7.610  3.916   6.807   1.00 0.00 ? 1  DC B N3     1 
ATOM 313 C C4     . DC B 2 1 ? -6.593  3.361   7.392   1.00 0.00 ? 1  DC B C4     1 
ATOM 314 N N4     . DC B 2 1 ? -5.336  3.973   7.241   1.00 0.00 ? 1  DC B N4     1 
ATOM 315 C C5     . DC B 2 1 ? -6.716  2.217   8.135   1.00 0.00 ? 1  DC B C5     1 
ATOM 316 C C6     . DC B 2 1 ? -7.929  1.616   8.305   1.00 0.00 ? 1  DC B C6     1 
ATOM 317 H "H5'"  . DC B 2 1 ? -11.209 -0.807  11.192  1.00 0.00 ? 1  DC B "H5'"  1 
ATOM 318 H "H5''" . DC B 2 1 ? -10.937 -2.195  10.131  1.00 0.00 ? 1  DC B "H5''" 1 
ATOM 319 H "H4'"  . DC B 2 1 ? -12.255 -0.279  9.074   1.00 0.00 ? 1  DC B "H4'"  1 
ATOM 320 H "H3'"  . DC B 2 1 ? -9.584  -1.067  7.766   1.00 0.00 ? 1  DC B "H3'"  1 
ATOM 321 H "H2'"  . DC B 2 1 ? -10.165 0.498   5.982   1.00 0.00 ? 1  DC B "H2'"  1 
ATOM 322 H "H2''" . DC B 2 1 ? -11.850 0.585   6.510   1.00 0.00 ? 1  DC B "H2''" 1 
ATOM 323 H "H1'"  . DC B 2 1 ? -11.283 2.418   7.749   1.00 0.00 ? 1  DC B "H1'"  1 
ATOM 324 H H41    . DC B 2 1 ? -5.276  4.813   6.651   1.00 0.00 ? 1  DC B H41    1 
ATOM 325 H H42    . DC B 2 1 ? -4.507  3.546   7.667   1.00 0.00 ? 1  DC B H42    1 
ATOM 326 H H5     . DC B 2 1 ? -5.841  1.764   8.602   1.00 0.00 ? 1  DC B H5     1 
ATOM 327 H H6     . DC B 2 1 ? -8.009  0.701   8.891   1.00 0.00 ? 1  DC B H6     1 
ATOM 328 H "HO5'" . DC B 2 1 ? -9.110  -0.053  10.543  1.00 0.00 ? 1  DC B "HO5'" 1 
ATOM 329 P P      . DC B 2 2 ? -10.959 -2.774  5.960   1.00 0.00 ? 2  DC B P      1 
ATOM 330 O OP1    . DC B 2 2 ? -11.993 -3.867  5.689   1.00 0.00 ? 2  DC B OP1    1 
ATOM 331 O OP2    . DC B 2 2 ? -9.613  -3.410  6.310   1.00 0.00 ? 2  DC B OP2    1 
ATOM 332 O "O5'"  . DC B 2 2 ? -10.782 -1.835  4.654   1.00 0.00 ? 2  DC B "O5'"  1 
ATOM 333 C "C5'"  . DC B 2 2 ? -11.894 -1.354  3.884   1.00 0.00 ? 2  DC B "C5'"  1 
ATOM 334 C "C4'"  . DC B 2 2 ? -11.426 -0.419  2.756   1.00 0.00 ? 2  DC B "C4'"  1 
ATOM 335 O "O4'"  . DC B 2 2 ? -10.739 0.725   3.318   1.00 0.00 ? 2  DC B "O4'"  1 
ATOM 336 C "C3'"  . DC B 2 2 ? -10.459 -1.028  1.729   1.00 0.00 ? 2  DC B "C3'"  1 
ATOM 337 O "O3'"  . DC B 2 2 ? -11.148 -1.747  0.689   1.00 0.00 ? 2  DC B "O3'"  1 
ATOM 338 C "C2'"  . DC B 2 2 ? -9.800  0.243   1.201   1.00 0.00 ? 2  DC B "C2'"  1 
ATOM 339 C "C1'"  . DC B 2 2 ? -9.696  1.162   2.418   1.00 0.00 ? 2  DC B "C1'"  1 
ATOM 340 N N1     . DC B 2 2 ? -8.350  1.176   3.072   1.00 0.00 ? 2  DC B N1     1 
ATOM 341 C C2     . DC B 2 2 ? -7.390  2.107   2.693   1.00 0.00 ? 2  DC B C2     1 
ATOM 342 O O2     . DC B 2 2 ? -7.585  2.882   1.756   1.00 0.00 ? 2  DC B O2     1 
ATOM 343 N N3     . DC B 2 2 ? -6.121  2.128   3.434   1.00 0.00 ? 2  DC B N3     1 
ATOM 344 C C4     . DC B 2 2 ? -5.856  1.266   4.368   1.00 0.00 ? 2  DC B C4     1 
ATOM 345 N N4     . DC B 2 2 ? -4.596  1.347   4.988   1.00 0.00 ? 2  DC B N4     1 
ATOM 346 C C5     . DC B 2 2 ? -6.752  0.302   4.746   1.00 0.00 ? 2  DC B C5     1 
ATOM 347 C C6     . DC B 2 2 ? -7.975  0.208   4.151   1.00 0.00 ? 2  DC B C6     1 
ATOM 348 H "H5'"  . DC B 2 2 ? -12.607 -0.820  4.542   1.00 0.00 ? 2  DC B "H5'"  1 
ATOM 349 H "H5''" . DC B 2 2 ? -12.451 -2.210  3.457   1.00 0.00 ? 2  DC B "H5''" 1 
ATOM 350 H "H4'"  . DC B 2 2 ? -12.326 -0.052  2.223   1.00 0.00 ? 2  DC B "H4'"  1 
ATOM 351 H "H3'"  . DC B 2 2 ? -9.710  -1.675  2.229   1.00 0.00 ? 2  DC B "H3'"  1 
ATOM 352 H "H2'"  . DC B 2 2 ? -8.838  0.060   0.705   1.00 0.00 ? 2  DC B "H2'"  1 
ATOM 353 H "H2''" . DC B 2 2 ? -10.448 0.717   0.440   1.00 0.00 ? 2  DC B "H2''" 1 
ATOM 354 H "H1'"  . DC B 2 2 ? -9.945  2.181   2.074   1.00 0.00 ? 2  DC B "H1'"  1 
ATOM 355 H H41    . DC B 2 2 ? -3.966  2.099   4.685   1.00 0.00 ? 2  DC B H41    1 
ATOM 356 H H42    . DC B 2 2 ? -4.332  0.656   5.697   1.00 0.00 ? 2  DC B H42    1 
ATOM 357 H H5     . DC B 2 2 ? -6.501  -0.411  5.533   1.00 0.00 ? 2  DC B H5     1 
ATOM 358 H H6     . DC B 2 2 ? -8.670  -0.571  4.460   1.00 0.00 ? 2  DC B H6     1 
ATOM 359 P P      . DU B 2 3 ? -10.362 -2.615  -0.440  1.00 0.00 ? 3  DU B P      1 
ATOM 360 O OP1    . DU B 2 3 ? -11.380 -3.353  -1.313  1.00 0.00 ? 3  DU B OP1    1 
ATOM 361 O OP2    . DU B 2 3 ? -9.441  -3.627  0.241   1.00 0.00 ? 3  DU B OP2    1 
ATOM 362 O "O5'"  . DU B 2 3 ? -9.472  -1.623  -1.360  1.00 0.00 ? 3  DU B "O5'"  1 
ATOM 363 C "C5'"  . DU B 2 3 ? -10.066 -0.681  -2.272  1.00 0.00 ? 3  DU B "C5'"  1 
ATOM 364 C "C4'"  . DU B 2 3 ? -8.992  0.173   -2.973  1.00 0.00 ? 3  DU B "C4'"  1 
ATOM 365 O "O4'"  . DU B 2 3 ? -8.170  0.824   -1.972  1.00 0.00 ? 3  DU B "O4'"  1 
ATOM 366 C "C3'"  . DU B 2 3 ? -8.046  -0.594  -3.922  1.00 0.00 ? 3  DU B "C3'"  1 
ATOM 367 O "O3'"  . DU B 2 3 ? -7.947  0.116   -5.177  1.00 0.00 ? 3  DU B "O3'"  1 
ATOM 368 C "C2'"  . DU B 2 3 ? -6.726  -0.614  -3.155  1.00 0.00 ? 3  DU B "C2'"  1 
ATOM 369 C "C1'"  . DU B 2 3 ? -6.781  0.657   -2.301  1.00 0.00 ? 3  DU B "C1'"  1 
ATOM 370 N N1     . DU B 2 3 ? -5.927  0.571   -1.077  1.00 0.00 ? 3  DU B N1     1 
ATOM 371 C C2     . DU B 2 3 ? -4.784  1.354   -0.957  1.00 0.00 ? 3  DU B C2     1 
ATOM 372 O O2     . DU B 2 3 ? -4.450  2.187   -1.798  1.00 0.00 ? 3  DU B O2     1 
ATOM 373 N N3     . DU B 2 3 ? -3.960  1.214   0.118   1.00 0.00 ? 3  DU B N3     1 
ATOM 374 C C4     . DU B 2 3 ? -4.154  0.326   1.128   1.00 0.00 ? 3  DU B C4     1 
ATOM 375 O O4     . DU B 2 3 ? -3.351  0.239   2.052   1.00 0.00 ? 3  DU B O4     1 
ATOM 376 C C5     . DU B 2 3 ? -5.425  -0.551  1.058   1.00 0.00 ? 3  DU B C5     1 
ATOM 377 C C6     . DU B 2 3 ? -6.257  -0.408  0.001   1.00 0.00 ? 3  DU B C6     1 
ATOM 378 H "H5'"  . DU B 2 3 ? -10.766 -0.021  -1.728  1.00 0.00 ? 3  DU B "H5'"  1 
ATOM 379 H "H5''" . DU B 2 3 ? -10.677 -1.218  -3.022  1.00 0.00 ? 3  DU B "H5''" 1 
ATOM 380 H "H4'"  . DU B 2 3 ? -9.521  0.957   -3.549  1.00 0.00 ? 3  DU B "H4'"  1 
ATOM 381 H "H3'"  . DU B 2 3 ? -8.399  -1.626  -4.117  1.00 0.00 ? 3  DU B "H3'"  1 
ATOM 382 H "H2'"  . DU B 2 3 ? -6.693  -1.525  -2.528  1.00 0.00 ? 3  DU B "H2'"  1 
ATOM 383 H "H2''" . DU B 2 3 ? -5.842  -0.649  -3.812  1.00 0.00 ? 3  DU B "H2''" 1 
ATOM 384 H "H1'"  . DU B 2 3 ? -6.489  1.516   -2.940  1.00 0.00 ? 3  DU B "H1'"  1 
ATOM 385 H H3     . DU B 2 3 ? -3.119  1.799   0.150   1.00 0.00 ? 3  DU B H3     1 
ATOM 386 H H5     . DU B 2 3 ? -5.640  -1.261  1.857   1.00 0.00 ? 3  DU B H5     1 
ATOM 387 H H6     . DU B 2 3 ? -7.168  -1.004  -0.061  1.00 0.00 ? 3  DU B H6     1 
ATOM 388 P P      . DC B 2 4 ? -7.012  -0.352  -6.421  1.00 0.00 ? 4  DC B P      1 
ATOM 389 O OP1    . DC B 2 4 ? -7.671  0.067   -7.737  1.00 0.00 ? 4  DC B OP1    1 
ATOM 390 O OP2    . DC B 2 4 ? -6.836  -1.872  -6.401  1.00 0.00 ? 4  DC B OP2    1 
ATOM 391 O "O5'"  . DC B 2 4 ? -5.566  0.364   -6.264  1.00 0.00 ? 4  DC B "O5'"  1 
ATOM 392 C "C5'"  . DC B 2 4 ? -5.369  1.733   -6.665  1.00 0.00 ? 4  DC B "C5'"  1 
ATOM 393 C "C4'"  . DC B 2 4 ? -3.948  2.238   -6.363  1.00 0.00 ? 4  DC B "C4'"  1 
ATOM 394 O "O4'"  . DC B 2 4 ? -3.728  2.240   -4.939  1.00 0.00 ? 4  DC B "O4'"  1 
ATOM 395 C "C3'"  . DC B 2 4 ? -2.783  1.437   -6.961  1.00 0.00 ? 4  DC B "C3'"  1 
ATOM 396 O "O3'"  . DC B 2 4 ? -2.526  1.790   -8.333  1.00 0.00 ? 4  DC B "O3'"  1 
ATOM 397 C "C2'"  . DC B 2 4 ? -1.650  1.869   -6.029  1.00 0.00 ? 4  DC B "C2'"  1 
ATOM 398 C "C1'"  . DC B 2 4 ? -2.321  2.077   -4.668  1.00 0.00 ? 4  DC B "C1'"  1 
ATOM 399 N N1     . DC B 2 4 ? -2.071  0.961   -3.709  1.00 0.00 ? 4  DC B N1     1 
ATOM 400 C C2     . DC B 2 4 ? -1.067  1.058   -2.756  1.00 0.00 ? 4  DC B C2     1 
ATOM 401 O O2     . DC B 2 4 ? -0.271  1.998   -2.761  1.00 0.00 ? 4  DC B O2     1 
ATOM 402 N N3     . DC B 2 4 ? -0.978  -0.002  -1.742  1.00 0.00 ? 4  DC B N3     1 
ATOM 403 C C4     . DC B 2 4 ? -1.781  -1.023  -1.742  1.00 0.00 ? 4  DC B C4     1 
ATOM 404 N N4     . DC B 2 4 ? -1.633  -1.964  -0.708  1.00 0.00 ? 4  DC B N4     1 
ATOM 405 C C5     . DC B 2 4 ? -2.746  -1.192  -2.698  1.00 0.00 ? 4  DC B C5     1 
ATOM 406 C C6     . DC B 2 4 ? -2.926  -0.267  -3.685  1.00 0.00 ? 4  DC B C6     1 
ATOM 407 H "H5'"  . DC B 2 4 ? -6.107  2.383   -6.156  1.00 0.00 ? 4  DC B "H5'"  1 
ATOM 408 H "H5''" . DC B 2 4 ? -5.570  1.832   -7.749  1.00 0.00 ? 4  DC B "H5''" 1 
ATOM 409 H "H4'"  . DC B 2 4 ? -3.881  3.284   -6.722  1.00 0.00 ? 4  DC B "H4'"  1 
ATOM 410 H "H3'"  . DC B 2 4 ? -2.970  0.348   -6.862  1.00 0.00 ? 4  DC B "H3'"  1 
ATOM 411 H "H2'"  . DC B 2 4 ? -0.819  1.146   -6.013  1.00 0.00 ? 4  DC B "H2'"  1 
ATOM 412 H "H2''" . DC B 2 4 ? -1.217  2.826   -6.372  1.00 0.00 ? 4  DC B "H2''" 1 
ATOM 413 H "H1'"  . DC B 2 4 ? -1.963  3.035   -4.238  1.00 0.00 ? 4  DC B "H1'"  1 
ATOM 414 H H41    . DC B 2 4 ? -0.904  -1.788  -0.006  1.00 0.00 ? 4  DC B H41    1 
ATOM 415 H H42    . DC B 2 4 ? -2.249  -2.782  -0.669  1.00 0.00 ? 4  DC B H42    1 
ATOM 416 H H5     . DC B 2 4 ? -3.396  -2.068  -2.685  1.00 0.00 ? 4  DC B H5     1 
ATOM 417 H H6     . DC B 2 4 ? -3.689  -0.411  -4.452  1.00 0.00 ? 4  DC B H6     1 
ATOM 418 P P      . DC B 2 5 ? -1.415  1.028   -9.242  1.00 0.00 ? 5  DC B P      1 
ATOM 419 O OP1    . DC B 2 5 ? -1.532  1.500   -10.693 1.00 0.00 ? 5  DC B OP1    1 
ATOM 420 O OP2    . DC B 2 5 ? -1.643  -0.483  -9.176  1.00 0.00 ? 5  DC B OP2    1 
ATOM 421 O "O5'"  . DC B 2 5 ? 0.066   1.363   -8.681  1.00 0.00 ? 5  DC B "O5'"  1 
ATOM 422 C "C5'"  . DC B 2 5 ? 0.636   2.682   -8.750  1.00 0.00 ? 5  DC B "C5'"  1 
ATOM 423 C "C4'"  . DC B 2 5 ? 2.032   2.720   -8.095  1.00 0.00 ? 5  DC B "C4'"  1 
ATOM 424 O "O4'"  . DC B 2 5 ? 1.934   2.218   -6.739  1.00 0.00 ? 5  DC B "O4'"  1 
ATOM 425 C "C3'"  . DC B 2 5 ? 3.119   1.897   -8.818  1.00 0.00 ? 5  DC B "C3'"  1 
ATOM 426 O "O3'"  . DC B 2 5 ? 4.330   2.679   -8.912  1.00 0.00 ? 5  DC B "O3'"  1 
ATOM 427 C "C2'"  . DC B 2 5 ? 3.285   0.677   -7.914  1.00 0.00 ? 5  DC B "C2'"  1 
ATOM 428 C "C1'"  . DC B 2 5 ? 2.929   1.202   -6.517  1.00 0.00 ? 5  DC B "C1'"  1 
ATOM 429 N N1     . DC B 2 5 ? 2.414   0.150   -5.588  1.00 0.00 ? 5  DC B N1     1 
ATOM 430 C C2     . DC B 2 5 ? 3.043   -0.118  -4.376  1.00 0.00 ? 5  DC B C2     1 
ATOM 431 O O2     . DC B 2 5 ? 4.056   0.487   -4.025  1.00 0.00 ? 5  DC B O2     1 
ATOM 432 N N3     . DC B 2 5 ? 2.464   -1.172  -3.525  1.00 0.00 ? 5  DC B N3     1 
ATOM 433 C C4     . DC B 2 5 ? 1.425   -1.861  -3.892  1.00 0.00 ? 5  DC B C4     1 
ATOM 434 N N4     . DC B 2 5 ? 0.980   -2.886  -3.040  1.00 0.00 ? 5  DC B N4     1 
ATOM 435 C C5     . DC B 2 5 ? 0.771   -1.624  -5.069  1.00 0.00 ? 5  DC B C5     1 
ATOM 436 C C6     . DC B 2 5 ? 1.201   -0.658  -5.929  1.00 0.00 ? 5  DC B C6     1 
ATOM 437 H "H5'"  . DC B 2 5 ? -0.029  3.407   -8.245  1.00 0.00 ? 5  DC B "H5'"  1 
ATOM 438 H "H5''" . DC B 2 5 ? 0.698   3.013   -9.804  1.00 0.00 ? 5  DC B "H5''" 1 
ATOM 439 H "H4'"  . DC B 2 5 ? 2.348   3.779   -8.054  1.00 0.00 ? 5  DC B "H4'"  1 
ATOM 440 H "H3'"  . DC B 2 5 ? 2.805   1.593   -9.837  1.00 0.00 ? 5  DC B "H3'"  1 
ATOM 441 H "H2'"  . DC B 2 5 ? 2.584   -0.110  -8.249  1.00 0.00 ? 5  DC B "H2'"  1 
ATOM 442 H "H2''" . DC B 2 5 ? 4.294   0.239   -7.958  1.00 0.00 ? 5  DC B "H2''" 1 
ATOM 443 H "H1'"  . DC B 2 5 ? 3.828   1.703   -6.106  1.00 0.00 ? 5  DC B "H1'"  1 
ATOM 444 H H41    . DC B 2 5 ? 1.454   -3.001  -2.134  1.00 0.00 ? 5  DC B H41    1 
ATOM 445 H H42    . DC B 2 5 ? 0.170   -3.453  -3.309  1.00 0.00 ? 5  DC B H42    1 
ATOM 446 H H5     . DC B 2 5 ? -0.109  -2.206  -5.344  1.00 0.00 ? 5  DC B H5     1 
ATOM 447 H H6     . DC B 2 5 ? 0.665   -0.480  -6.864  1.00 0.00 ? 5  DC B H6     1 
ATOM 448 P P      . DU B 2 6 ? 5.706   2.141   -9.587  1.00 0.00 ? 6  DU B P      1 
ATOM 449 O OP1    . DU B 2 6 ? 6.470   3.320   -10.196 1.00 0.00 ? 6  DU B OP1    1 
ATOM 450 O OP2    . DU B 2 6 ? 5.388   1.120   -10.681 1.00 0.00 ? 6  DU B OP2    1 
ATOM 451 O "O5'"  . DU B 2 6 ? 6.594   1.438   -8.429  1.00 0.00 ? 6  DU B "O5'"  1 
ATOM 452 C "C5'"  . DU B 2 6 ? 7.411   2.212   -7.533  1.00 0.00 ? 6  DU B "C5'"  1 
ATOM 453 C "C4'"  . DU B 2 6 ? 8.102   1.333   -6.476  1.00 0.00 ? 6  DU B "C4'"  1 
ATOM 454 O "O4'"  . DU B 2 6 ? 7.108   0.753   -5.611  1.00 0.00 ? 6  DU B "O4'"  1 
ATOM 455 C "C3'"  . DU B 2 6 ? 8.930   0.153   -7.005  1.00 0.00 ? 6  DU B "C3'"  1 
ATOM 456 O "O3'"  . DU B 2 6 ? 10.260  0.557   -7.393  1.00 0.00 ? 6  DU B "O3'"  1 
ATOM 457 C "C2'"  . DU B 2 6 ? 8.928   -0.772  -5.788  1.00 0.00 ? 6  DU B "C2'"  1 
ATOM 458 C "C1'"  . DU B 2 6 ? 7.610   -0.478  -5.057  1.00 0.00 ? 6  DU B "C1'"  1 
ATOM 459 N N1     . DU B 2 6 ? 6.600   -1.574  -5.173  1.00 0.00 ? 6  DU B N1     1 
ATOM 460 C C2     . DU B 2 6 ? 6.379   -2.430  -4.103  1.00 0.00 ? 6  DU B C2     1 
ATOM 461 O O2     . DU B 2 6 ? 7.062   -2.415  -3.080  1.00 0.00 ? 6  DU B O2     1 
ATOM 462 N N3     . DU B 2 6 ? 5.377   -3.348  -4.149  1.00 0.00 ? 6  DU B N3     1 
ATOM 463 C C4     . DU B 2 6 ? 4.552   -3.542  -5.209  1.00 0.00 ? 6  DU B C4     1 
ATOM 464 O O4     . DU B 2 6 ? 3.657   -4.382  -5.147  1.00 0.00 ? 6  DU B O4     1 
ATOM 465 C C5     . DU B 2 6 ? 4.803   -2.660  -6.459  1.00 0.00 ? 6  DU B C5     1 
ATOM 466 C C6     . DU B 2 6 ? 5.790   -1.734  -6.415  1.00 0.00 ? 6  DU B C6     1 
ATOM 467 H "H5'"  . DU B 2 6 ? 6.796   2.984   -7.031  1.00 0.00 ? 6  DU B "H5'"  1 
ATOM 468 H "H5''" . DU B 2 6 ? 8.177   2.760   -8.114  1.00 0.00 ? 6  DU B "H5''" 1 
ATOM 469 H "H4'"  . DU B 2 6 ? 8.755   1.985   -5.863  1.00 0.00 ? 6  DU B "H4'"  1 
ATOM 470 H "H3'"  . DU B 2 6 ? 8.409   -0.336  -7.853  1.00 0.00 ? 6  DU B "H3'"  1 
ATOM 471 H "H2'"  . DU B 2 6 ? 9.048   -1.827  -6.081  1.00 0.00 ? 6  DU B "H2'"  1 
ATOM 472 H "H2''" . DU B 2 6 ? 9.778   -0.535  -5.122  1.00 0.00 ? 6  DU B "H2''" 1 
ATOM 473 H "H1'"  . DU B 2 6 ? 7.843   -0.276  -3.992  1.00 0.00 ? 6  DU B "H1'"  1 
ATOM 474 H H3     . DU B 2 6 ? 5.243   -3.933  -3.320  1.00 0.00 ? 6  DU B H3     1 
ATOM 475 H H5     . DU B 2 6 ? 4.188   -2.794  -7.348  1.00 0.00 ? 6  DU B H5     1 
ATOM 476 H H6     . DU B 2 6 ? 5.994   -1.101  -7.280  1.00 0.00 ? 6  DU B H6     1 
ATOM 477 P P      . DU B 2 7 ? 11.343  -0.481  -8.018  1.00 0.00 ? 7  DU B P      1 
ATOM 478 O OP1    . DU B 2 7 ? 12.592  0.281   -8.468  1.00 0.00 ? 7  DU B OP1    1 
ATOM 479 O OP2    . DU B 2 7 ? 10.731  -1.214  -9.213  1.00 0.00 ? 7  DU B OP2    1 
ATOM 480 O "O5'"  . DU B 2 7 ? 11.745  -1.563  -6.885  1.00 0.00 ? 7  DU B "O5'"  1 
ATOM 481 C "C5'"  . DU B 2 7 ? 12.624  -1.251  -5.790  1.00 0.00 ? 7  DU B "C5'"  1 
ATOM 482 C "C4'"  . DU B 2 7 ? 12.757  -2.453  -4.840  1.00 0.00 ? 7  DU B "C4'"  1 
ATOM 483 O "O4'"  . DU B 2 7 ? 11.468  -2.753  -4.277  1.00 0.00 ? 7  DU B "O4'"  1 
ATOM 484 C "C3'"  . DU B 2 7 ? 13.246  -3.758  -5.485  1.00 0.00 ? 7  DU B "C3'"  1 
ATOM 485 O "O3'"  . DU B 2 7 ? 14.665  -3.845  -5.502  1.00 0.00 ? 7  DU B "O3'"  1 
ATOM 486 C "C2'"  . DU B 2 7 ? 12.632  -4.820  -4.577  1.00 0.00 ? 7  DU B "C2'"  1 
ATOM 487 C "C1'"  . DU B 2 7 ? 11.344  -4.166  -4.037  1.00 0.00 ? 7  DU B "C1'"  1 
ATOM 488 N N1     . DU B 2 7 ? 10.076  -4.678  -4.650  1.00 0.00 ? 7  DU B N1     1 
ATOM 489 C C2     . DU B 2 7 ? 9.134   -5.332  -3.864  1.00 0.00 ? 7  DU B C2     1 
ATOM 490 O O2     . DU B 2 7 ? 9.296   -5.555  -2.664  1.00 0.00 ? 7  DU B O2     1 
ATOM 491 N N3     . DU B 2 7 ? 7.968   -5.773  -4.407  1.00 0.00 ? 7  DU B N3     1 
ATOM 492 C C4     . DU B 2 7 ? 7.620   -5.637  -5.712  1.00 0.00 ? 7  DU B C4     1 
ATOM 493 O O4     . DU B 2 7 ? 6.555   -6.093  -6.122  1.00 0.00 ? 7  DU B O4     1 
ATOM 494 C C5     . DU B 2 7 ? 8.622   -4.896  -6.629  1.00 0.00 ? 7  DU B C5     1 
ATOM 495 C C6     . DU B 2 7 ? 9.786   -4.452  -6.098  1.00 0.00 ? 7  DU B C6     1 
ATOM 496 H "H5'"  . DU B 2 7 ? 12.239  -0.373  -5.235  1.00 0.00 ? 7  DU B "H5'"  1 
ATOM 497 H "H5''" . DU B 2 7 ? 13.617  -0.956  -6.179  1.00 0.00 ? 7  DU B "H5''" 1 
ATOM 498 H "H4'"  . DU B 2 7 ? 13.436  -2.175  -4.010  1.00 0.00 ? 7  DU B "H4'"  1 
ATOM 499 H "H3'"  . DU B 2 7 ? 12.846  -3.869  -6.511  1.00 0.00 ? 7  DU B "H3'"  1 
ATOM 500 H "HO3'" . DU B 2 7 ? 14.966  -3.166  -6.112  1.00 0.00 ? 7  DU B "HO3'" 1 
ATOM 501 H "H2'"  . DU B 2 7 ? 12.458  -5.776  -5.106  1.00 0.00 ? 7  DU B "H2'"  1 
ATOM 502 H "H2''" . DU B 2 7 ? 13.314  -5.046  -3.736  1.00 0.00 ? 7  DU B "H2''" 1 
ATOM 503 H "H1'"  . DU B 2 7 ? 11.337  -4.305  -2.938  1.00 0.00 ? 7  DU B "H1'"  1 
ATOM 504 H H3     . DU B 2 7 ? 7.323   -6.276  -3.791  1.00 0.00 ? 7  DU B H3     1 
ATOM 505 H H5     . DU B 2 7 ? 8.381   -4.738  -7.680  1.00 0.00 ? 7  DU B H5     1 
ATOM 506 H H6     . DU B 2 7 ? 10.501  -3.923  -6.729  1.00 0.00 ? 7  DU B H6     1 
# 
